data_9BIA
#
_entry.id   9BIA
#
_cell.length_a   1.00
_cell.length_b   1.00
_cell.length_c   1.00
_cell.angle_alpha   90.00
_cell.angle_beta   90.00
_cell.angle_gamma   90.00
#
_symmetry.space_group_name_H-M   'P 1'
#
loop_
_entity.id
_entity.type
_entity.pdbx_description
1 polymer Ninjurin-1
2 polymer Nb538
#
loop_
_entity_poly.entity_id
_entity_poly.type
_entity_poly.pdbx_seq_one_letter_code
_entity_poly.pdbx_strand_id
1 'polypeptide(L)'
;MESGTEEYELNGDLRPGSPGSPDALPPRWGLRNRPINVNHYANKQSAAESMLDIALLMANASQLKAVVEQGNDFAFFVPL
VVLISISLVLQIGVGVLLIFLVKYDLNNPAKHAKLDFLNNLATGLVFIIVVVNIFITAFGVQKPVMDVAPRQGSENLYFQ
GSDYKDDDDK
;
B,C,A,D
2 'polypeptide(L)'
;EVQLVESGGGLVQPGGSLRLSCAASGFNVYSSSYYYVGWVRRAPGKGEELVARISPSYGYTYYADSVKGRFTISADTSKN
TAYLQMNSLRAEDTAVYYCEVYIFGQYFESGQGTLVTVSSDKTHTGGSSGGSHHHHHHGS
;
E,F
#
# COMPACT_ATOMS: atom_id res chain seq x y z
N ASN A 33 -16.44 -7.38 19.47
CA ASN A 33 -16.81 -6.46 18.41
C ASN A 33 -16.02 -6.75 17.14
N ARG A 34 -16.52 -6.27 16.01
CA ARG A 34 -15.88 -6.55 14.73
C ARG A 34 -14.54 -5.82 14.65
N PRO A 35 -13.44 -6.51 14.36
CA PRO A 35 -12.12 -5.87 14.46
C PRO A 35 -11.78 -5.02 13.25
N ILE A 36 -10.78 -4.15 13.47
CA ILE A 36 -10.10 -3.48 12.37
C ILE A 36 -9.38 -4.48 11.49
N ASN A 37 -9.31 -4.17 10.20
CA ASN A 37 -8.30 -4.76 9.31
C ASN A 37 -6.96 -4.10 9.62
N VAL A 38 -6.11 -4.81 10.36
CA VAL A 38 -4.87 -4.22 10.87
C VAL A 38 -3.88 -3.89 9.76
N ASN A 39 -3.96 -4.54 8.60
CA ASN A 39 -3.15 -4.10 7.48
C ASN A 39 -3.56 -2.71 6.99
N HIS A 40 -4.86 -2.44 6.93
CA HIS A 40 -5.29 -1.11 6.50
C HIS A 40 -4.89 -0.03 7.49
N TYR A 41 -5.05 -0.32 8.79
CA TYR A 41 -4.53 0.56 9.84
C TYR A 41 -3.03 0.80 9.70
N ALA A 42 -2.24 -0.25 9.50
CA ALA A 42 -0.80 -0.09 9.36
C ALA A 42 -0.40 0.64 8.09
N ASN A 43 -1.15 0.46 6.99
CA ASN A 43 -0.90 1.26 5.80
C ASN A 43 -1.24 2.73 6.00
N LYS A 44 -2.35 3.01 6.66
CA LYS A 44 -2.75 4.39 6.94
C LYS A 44 -1.77 5.10 7.87
N GLN A 45 -1.21 4.38 8.84
CA GLN A 45 -0.09 4.90 9.62
C GLN A 45 1.15 5.11 8.77
N SER A 46 1.54 4.14 7.94
CA SER A 46 2.71 4.32 7.11
C SER A 46 2.54 5.50 6.16
N ALA A 47 1.31 5.75 5.71
CA ALA A 47 1.01 6.92 4.89
C ALA A 47 1.17 8.22 5.67
N ALA A 48 0.62 8.30 6.88
CA ALA A 48 0.82 9.50 7.69
C ALA A 48 2.30 9.72 8.01
N GLU A 49 3.05 8.63 8.23
CA GLU A 49 4.50 8.73 8.39
C GLU A 49 5.20 9.25 7.15
N SER A 50 4.73 8.82 5.97
CA SER A 50 5.29 9.36 4.73
C SER A 50 4.93 10.83 4.54
N MET A 51 3.75 11.24 4.98
CA MET A 51 3.37 12.64 4.90
C MET A 51 4.23 13.52 5.80
N LEU A 52 4.44 13.09 7.05
CA LEU A 52 5.33 13.84 7.94
C LEU A 52 6.77 13.82 7.44
N ASP A 53 7.21 12.70 6.87
CA ASP A 53 8.51 12.63 6.23
C ASP A 53 8.65 13.61 5.07
N ILE A 54 7.61 13.76 4.25
CA ILE A 54 7.61 14.77 3.20
C ILE A 54 7.68 16.18 3.78
N ALA A 55 6.87 16.48 4.79
CA ALA A 55 6.91 17.81 5.39
C ALA A 55 8.28 18.13 5.99
N LEU A 56 8.93 17.13 6.59
CA LEU A 56 10.29 17.33 7.09
C LEU A 56 11.30 17.45 5.96
N LEU A 57 11.16 16.65 4.91
CA LEU A 57 12.08 16.76 3.77
C LEU A 57 11.98 18.13 3.12
N MET A 58 10.78 18.69 3.08
CA MET A 58 10.55 20.02 2.51
C MET A 58 11.08 21.13 3.40
N ALA A 59 11.01 20.95 4.72
CA ALA A 59 11.68 21.87 5.63
C ALA A 59 13.20 21.78 5.52
N ASN A 60 13.75 20.59 5.39
CA ASN A 60 15.20 20.47 5.35
C ASN A 60 15.76 20.85 3.99
N ALA A 61 14.99 20.68 2.92
CA ALA A 61 15.36 21.25 1.63
C ALA A 61 15.39 22.77 1.67
N SER A 62 14.40 23.39 2.32
CA SER A 62 14.45 24.84 2.50
C SER A 62 15.64 25.28 3.34
N GLN A 63 15.94 24.54 4.42
CA GLN A 63 17.15 24.82 5.20
C GLN A 63 18.41 24.68 4.37
N LEU A 64 18.52 23.62 3.57
CA LEU A 64 19.67 23.44 2.70
C LEU A 64 19.85 24.61 1.77
N LYS A 65 18.77 25.03 1.10
CA LYS A 65 18.86 26.17 0.20
C LYS A 65 19.29 27.44 0.94
N ALA A 66 18.70 27.70 2.11
CA ALA A 66 19.07 28.88 2.88
C ALA A 66 20.50 28.85 3.39
N VAL A 67 21.08 27.67 3.59
CA VAL A 67 22.49 27.58 3.98
C VAL A 67 23.42 27.73 2.78
N VAL A 68 23.15 27.00 1.69
CA VAL A 68 23.99 27.04 0.50
C VAL A 68 24.01 28.44 -0.11
N GLU A 69 22.92 29.18 0.01
CA GLU A 69 22.91 30.57 -0.45
C GLU A 69 23.86 31.46 0.35
N GLN A 70 24.06 31.17 1.65
CA GLN A 70 25.05 31.92 2.41
C GLN A 70 26.48 31.44 2.14
N GLY A 71 26.66 30.16 1.86
CA GLY A 71 27.94 29.66 1.41
C GLY A 71 29.02 29.59 2.48
N ASN A 72 30.25 29.36 1.99
CA ASN A 72 31.40 29.09 2.84
C ASN A 72 31.70 30.18 3.86
N ASP A 73 31.13 31.38 3.70
CA ASP A 73 31.33 32.42 4.69
C ASP A 73 30.63 32.14 6.01
N PHE A 74 29.61 31.29 6.02
CA PHE A 74 28.90 31.00 7.26
C PHE A 74 29.76 30.17 8.21
N ALA A 75 29.60 30.45 9.51
CA ALA A 75 30.47 29.88 10.53
C ALA A 75 30.41 28.36 10.61
N PHE A 76 29.26 27.76 10.30
CA PHE A 76 29.07 26.32 10.42
C PHE A 76 28.70 25.66 9.10
N PHE A 77 29.14 26.25 7.98
CA PHE A 77 28.69 25.82 6.66
C PHE A 77 28.93 24.33 6.44
N VAL A 78 30.17 23.88 6.61
CA VAL A 78 30.53 22.48 6.38
C VAL A 78 29.69 21.51 7.21
N PRO A 79 29.67 21.63 8.55
CA PRO A 79 28.87 20.68 9.33
C PRO A 79 27.39 20.81 9.10
N LEU A 80 26.87 22.01 8.91
CA LEU A 80 25.44 22.17 8.76
C LEU A 80 24.96 21.59 7.43
N VAL A 81 25.70 21.87 6.35
CA VAL A 81 25.40 21.28 5.04
C VAL A 81 25.50 19.76 5.09
N VAL A 82 26.53 19.23 5.76
CA VAL A 82 26.66 17.78 5.89
C VAL A 82 25.49 17.18 6.65
N LEU A 83 25.10 17.80 7.76
CA LEU A 83 23.98 17.30 8.55
C LEU A 83 22.67 17.33 7.76
N ILE A 84 22.39 18.43 7.07
CA ILE A 84 21.16 18.52 6.28
C ILE A 84 21.17 17.51 5.13
N SER A 85 22.31 17.35 4.46
CA SER A 85 22.39 16.37 3.37
C SER A 85 22.18 14.94 3.86
N ILE A 86 22.81 14.58 4.99
CA ILE A 86 22.56 13.28 5.61
C ILE A 86 21.07 13.13 5.93
N SER A 87 20.47 14.17 6.50
CA SER A 87 19.06 14.08 6.87
C SER A 87 18.16 13.87 5.66
N LEU A 88 18.45 14.56 4.55
CA LEU A 88 17.68 14.36 3.33
C LEU A 88 17.87 12.96 2.76
N VAL A 89 19.10 12.48 2.70
CA VAL A 89 19.34 11.13 2.19
C VAL A 89 18.60 10.09 3.02
N LEU A 90 18.66 10.22 4.35
CA LEU A 90 17.91 9.34 5.23
C LEU A 90 16.41 9.47 5.03
N GLN A 91 15.89 10.68 4.85
CA GLN A 91 14.46 10.86 4.68
C GLN A 91 13.95 10.24 3.38
N ILE A 92 14.67 10.47 2.27
CA ILE A 92 14.32 9.80 1.02
C ILE A 92 14.39 8.28 1.15
N GLY A 93 15.41 7.77 1.86
CA GLY A 93 15.46 6.34 2.11
C GLY A 93 14.30 5.81 2.93
N VAL A 94 13.91 6.54 3.97
CA VAL A 94 12.74 6.16 4.76
C VAL A 94 11.47 6.21 3.94
N GLY A 95 11.33 7.22 3.07
CA GLY A 95 10.20 7.25 2.17
C GLY A 95 10.12 6.05 1.23
N VAL A 96 11.26 5.60 0.72
CA VAL A 96 11.28 4.36 -0.06
C VAL A 96 10.90 3.15 0.79
N LEU A 97 11.46 3.06 2.00
CA LEU A 97 11.07 1.96 2.88
C LEU A 97 9.58 1.99 3.17
N LEU A 98 8.99 3.17 3.34
CA LEU A 98 7.56 3.28 3.58
C LEU A 98 6.73 2.92 2.35
N ILE A 99 7.28 3.13 1.16
CA ILE A 99 6.64 2.58 -0.05
C ILE A 99 6.59 1.07 0.02
N PHE A 100 7.71 0.44 0.35
CA PHE A 100 7.72 -1.02 0.45
C PHE A 100 6.88 -1.54 1.60
N LEU A 101 6.81 -0.81 2.71
CA LEU A 101 5.92 -1.16 3.82
C LEU A 101 4.45 -1.05 3.47
N VAL A 102 4.10 -0.15 2.55
CA VAL A 102 2.72 -0.13 2.05
C VAL A 102 2.50 -1.19 0.97
N LYS A 103 3.53 -1.54 0.22
CA LYS A 103 3.39 -2.55 -0.82
C LYS A 103 3.04 -3.92 -0.23
N TYR A 104 3.80 -4.37 0.76
CA TYR A 104 3.54 -5.69 1.35
C TYR A 104 2.35 -5.64 2.30
N ASP A 105 1.71 -6.80 2.46
CA ASP A 105 0.49 -6.93 3.26
C ASP A 105 0.84 -7.51 4.63
N LEU A 106 0.48 -6.79 5.68
CA LEU A 106 0.75 -7.21 7.05
C LEU A 106 -0.03 -8.45 7.46
N ASN A 107 -1.07 -8.84 6.70
CA ASN A 107 -1.71 -10.12 6.92
C ASN A 107 -0.93 -11.31 6.34
N ASN A 108 0.01 -11.09 5.44
CA ASN A 108 0.66 -12.18 4.74
C ASN A 108 1.79 -12.75 5.61
N PRO A 109 1.65 -13.97 6.14
CA PRO A 109 2.67 -14.47 7.08
C PRO A 109 4.02 -14.74 6.44
N ALA A 110 4.10 -14.91 5.12
CA ALA A 110 5.40 -15.05 4.47
C ALA A 110 6.15 -13.73 4.43
N LYS A 111 5.43 -12.62 4.46
CA LYS A 111 6.01 -11.29 4.44
C LYS A 111 6.36 -10.73 5.81
N HIS A 112 5.92 -11.38 6.90
CA HIS A 112 6.25 -10.87 8.23
C HIS A 112 7.73 -10.57 8.43
N ALA A 113 8.62 -11.45 7.99
CA ALA A 113 10.05 -11.20 8.16
C ALA A 113 10.52 -9.94 7.43
N LYS A 114 9.96 -9.65 6.26
CA LYS A 114 10.30 -8.41 5.57
C LYS A 114 9.62 -7.20 6.20
N LEU A 115 8.34 -7.27 6.48
CA LEU A 115 7.67 -6.12 7.05
C LEU A 115 8.26 -5.75 8.40
N ASP A 116 8.66 -6.75 9.18
CA ASP A 116 9.30 -6.50 10.46
C ASP A 116 10.69 -5.91 10.31
N PHE A 117 11.51 -6.47 9.42
CA PHE A 117 12.84 -5.89 9.20
C PHE A 117 12.74 -4.46 8.65
N LEU A 118 11.90 -4.25 7.64
CA LEU A 118 11.71 -2.94 7.05
C LEU A 118 11.17 -1.92 8.06
N ASN A 119 10.27 -2.32 8.95
CA ASN A 119 9.76 -1.37 9.93
C ASN A 119 10.77 -1.07 11.03
N ASN A 120 11.51 -2.08 11.48
CA ASN A 120 12.63 -1.82 12.39
C ASN A 120 13.63 -0.87 11.78
N LEU A 121 14.01 -1.10 10.53
CA LEU A 121 14.97 -0.23 9.84
C LEU A 121 14.42 1.18 9.67
N ALA A 122 13.17 1.31 9.23
CA ALA A 122 12.57 2.63 9.10
C ALA A 122 12.53 3.39 10.43
N THR A 123 12.19 2.70 11.52
CA THR A 123 12.21 3.35 12.83
C THR A 123 13.62 3.75 13.26
N GLY A 124 14.62 2.93 12.96
CA GLY A 124 15.99 3.29 13.27
C GLY A 124 16.51 4.46 12.45
N LEU A 125 16.17 4.51 11.17
CA LEU A 125 16.53 5.66 10.35
C LEU A 125 15.78 6.92 10.77
N VAL A 126 14.50 6.81 11.14
CA VAL A 126 13.80 7.96 11.69
C VAL A 126 14.42 8.43 13.00
N PHE A 127 14.94 7.50 13.81
CA PHE A 127 15.70 7.91 15.00
C PHE A 127 16.95 8.69 14.64
N ILE A 128 17.75 8.18 13.71
CA ILE A 128 18.94 8.92 13.28
C ILE A 128 18.56 10.25 12.64
N ILE A 129 17.43 10.30 11.94
CA ILE A 129 16.92 11.56 11.38
C ILE A 129 16.61 12.56 12.47
N VAL A 130 15.91 12.14 13.53
CA VAL A 130 15.58 13.08 14.59
C VAL A 130 16.83 13.54 15.32
N VAL A 131 17.81 12.67 15.53
CA VAL A 131 19.08 13.09 16.13
C VAL A 131 19.79 14.12 15.26
N VAL A 132 19.86 13.86 13.95
CA VAL A 132 20.50 14.81 13.05
C VAL A 132 19.73 16.12 12.99
N ASN A 133 18.40 16.08 13.05
CA ASN A 133 17.64 17.31 13.11
C ASN A 133 17.82 18.05 14.44
N ILE A 134 18.08 17.34 15.53
CA ILE A 134 18.49 18.00 16.77
C ILE A 134 19.77 18.78 16.58
N PHE A 135 20.74 18.19 15.88
CA PHE A 135 21.99 18.92 15.63
C PHE A 135 21.82 20.05 14.61
N ILE A 136 21.01 19.83 13.56
CA ILE A 136 20.67 20.91 12.65
C ILE A 136 20.03 22.08 13.38
N THR A 137 19.17 21.80 14.35
CA THR A 137 18.60 22.87 15.16
C THR A 137 19.67 23.54 16.03
N ALA A 138 20.48 22.73 16.71
CA ALA A 138 21.52 23.26 17.59
C ALA A 138 22.50 24.17 16.87
N PHE A 139 22.76 23.93 15.58
CA PHE A 139 23.51 24.92 14.81
C PHE A 139 22.63 26.05 14.29
N GLY A 140 21.50 25.73 13.66
CA GLY A 140 20.72 26.75 12.98
C GLY A 140 20.23 27.86 13.89
N VAL A 141 19.86 27.53 15.13
CA VAL A 141 19.31 28.53 16.04
C VAL A 141 20.36 29.49 16.57
N GLN A 142 21.60 29.40 16.12
CA GLN A 142 22.64 30.33 16.55
C GLN A 142 22.66 31.55 15.65
N ARG B 34 -25.36 -4.60 -7.66
CA ARG B 34 -25.12 -3.27 -7.15
C ARG B 34 -23.63 -2.89 -6.95
N PRO B 35 -22.72 -3.86 -6.89
CA PRO B 35 -21.30 -3.50 -6.82
C PRO B 35 -20.87 -2.67 -8.03
N ILE B 36 -19.83 -1.86 -7.81
CA ILE B 36 -19.24 -1.09 -8.90
C ILE B 36 -18.56 -2.03 -9.89
N ASN B 37 -18.53 -1.62 -11.15
CA ASN B 37 -17.52 -2.10 -12.08
C ASN B 37 -16.17 -1.54 -11.65
N VAL B 38 -15.35 -2.39 -11.02
CA VAL B 38 -14.11 -1.92 -10.41
C VAL B 38 -13.09 -1.47 -11.44
N ASN B 39 -13.19 -1.96 -12.69
CA ASN B 39 -12.36 -1.38 -13.75
C ASN B 39 -12.73 0.06 -14.06
N HIS B 40 -14.03 0.38 -14.11
CA HIS B 40 -14.39 1.78 -14.30
C HIS B 40 -13.88 2.65 -13.16
N TYR B 41 -13.94 2.15 -11.93
CA TYR B 41 -13.38 2.86 -10.78
C TYR B 41 -11.88 3.08 -10.91
N ALA B 42 -11.11 2.03 -11.14
CA ALA B 42 -9.66 2.19 -11.27
C ALA B 42 -9.26 3.00 -12.50
N ASN B 43 -9.97 2.84 -13.61
CA ASN B 43 -9.76 3.67 -14.80
C ASN B 43 -9.99 5.14 -14.50
N LYS B 44 -11.08 5.46 -13.82
CA LYS B 44 -11.41 6.83 -13.46
C LYS B 44 -10.43 7.42 -12.44
N GLN B 45 -9.95 6.61 -11.51
CA GLN B 45 -8.82 7.03 -10.68
C GLN B 45 -7.58 7.35 -11.51
N SER B 46 -7.21 6.44 -12.41
CA SER B 46 -6.06 6.69 -13.28
C SER B 46 -6.25 7.92 -14.15
N ALA B 47 -7.51 8.21 -14.53
CA ALA B 47 -7.81 9.44 -15.25
C ALA B 47 -7.56 10.67 -14.40
N ALA B 48 -8.03 10.68 -13.15
CA ALA B 48 -7.75 11.79 -12.26
C ALA B 48 -6.25 11.95 -12.01
N GLU B 49 -5.55 10.83 -11.80
CA GLU B 49 -4.10 10.85 -11.63
C GLU B 49 -3.38 11.39 -12.86
N SER B 50 -3.85 11.04 -14.06
CA SER B 50 -3.31 11.62 -15.28
C SER B 50 -3.61 13.11 -15.39
N MET B 51 -4.80 13.53 -14.98
CA MET B 51 -5.16 14.93 -15.06
C MET B 51 -4.32 15.78 -14.11
N LEU B 52 -4.11 15.30 -12.87
CA LEU B 52 -3.19 15.99 -11.97
C LEU B 52 -1.76 15.99 -12.50
N ASP B 53 -1.32 14.89 -13.09
CA ASP B 53 0.00 14.86 -13.72
C ASP B 53 0.12 15.85 -14.87
N ILE B 54 -0.96 16.02 -15.64
CA ILE B 54 -0.96 17.01 -16.73
C ILE B 54 -0.89 18.44 -16.18
N ALA B 55 -1.70 18.74 -15.16
CA ALA B 55 -1.64 20.07 -14.57
C ALA B 55 -0.26 20.36 -13.99
N LEU B 56 0.35 19.36 -13.35
CA LEU B 56 1.70 19.53 -12.81
C LEU B 56 2.73 19.70 -13.91
N LEU B 57 2.59 18.96 -15.01
CA LEU B 57 3.50 19.13 -16.15
C LEU B 57 3.37 20.51 -16.78
N MET B 58 2.15 21.04 -16.85
CA MET B 58 1.96 22.43 -17.28
C MET B 58 2.67 23.42 -16.35
N ALA B 59 2.49 23.26 -15.04
CA ALA B 59 3.14 24.17 -14.09
C ALA B 59 4.66 24.07 -14.15
N ASN B 60 5.19 22.85 -14.25
CA ASN B 60 6.63 22.66 -14.41
C ASN B 60 7.16 23.24 -15.73
N ALA B 61 6.42 23.11 -16.83
CA ALA B 61 6.89 23.71 -18.08
C ALA B 61 6.86 25.23 -18.03
N SER B 62 5.82 25.80 -17.43
CA SER B 62 5.80 27.25 -17.19
C SER B 62 6.99 27.71 -16.34
N GLN B 63 7.30 26.96 -15.28
CA GLN B 63 8.45 27.29 -14.45
C GLN B 63 9.77 27.15 -15.20
N LEU B 64 9.93 26.10 -16.00
CA LEU B 64 11.14 25.98 -16.81
C LEU B 64 11.26 27.12 -17.80
N LYS B 65 10.14 27.56 -18.38
CA LYS B 65 10.17 28.74 -19.24
C LYS B 65 10.67 29.96 -18.49
N ALA B 66 10.16 30.18 -17.28
CA ALA B 66 10.65 31.30 -16.47
C ALA B 66 12.14 31.17 -16.16
N VAL B 67 12.58 29.98 -15.76
CA VAL B 67 13.99 29.77 -15.41
C VAL B 67 14.91 30.04 -16.60
N VAL B 68 14.57 29.51 -17.77
CA VAL B 68 15.42 29.70 -18.94
C VAL B 68 15.46 31.16 -19.38
N GLU B 69 14.43 31.95 -19.07
CA GLU B 69 14.50 33.38 -19.32
C GLU B 69 15.40 34.12 -18.32
N GLN B 70 15.65 33.55 -17.14
CA GLN B 70 16.65 34.15 -16.25
C GLN B 70 18.07 33.90 -16.73
N GLY B 71 18.35 32.69 -17.21
CA GLY B 71 19.68 32.34 -17.66
C GLY B 71 20.71 32.25 -16.53
N ASN B 72 21.97 32.21 -16.96
CA ASN B 72 23.10 32.00 -16.04
C ASN B 72 23.28 33.12 -15.03
N ASP B 73 22.54 34.23 -15.14
CA ASP B 73 22.59 35.25 -14.09
C ASP B 73 21.95 34.77 -12.80
N PHE B 74 21.12 33.73 -12.83
CA PHE B 74 20.61 33.14 -11.59
C PHE B 74 21.61 32.14 -11.02
N ALA B 75 21.68 32.10 -9.68
CA ALA B 75 22.68 31.27 -9.01
C ALA B 75 22.41 29.78 -9.19
N PHE B 76 21.20 29.34 -8.87
CA PHE B 76 20.84 27.92 -8.92
C PHE B 76 20.34 27.49 -10.29
N PHE B 77 20.71 28.22 -11.35
CA PHE B 77 20.19 27.97 -12.69
C PHE B 77 20.40 26.52 -13.11
N VAL B 78 21.65 26.04 -13.06
CA VAL B 78 21.95 24.68 -13.51
C VAL B 78 21.21 23.61 -12.72
N PRO B 79 21.26 23.58 -11.39
CA PRO B 79 20.50 22.56 -10.67
C PRO B 79 18.99 22.71 -10.76
N LEU B 80 18.47 23.93 -10.87
CA LEU B 80 17.03 24.09 -10.99
C LEU B 80 16.54 23.60 -12.35
N VAL B 81 17.27 23.94 -13.41
CA VAL B 81 16.97 23.41 -14.74
C VAL B 81 17.06 21.89 -14.77
N VAL B 82 18.05 21.30 -14.13
CA VAL B 82 18.16 19.84 -14.08
C VAL B 82 17.02 19.22 -13.27
N LEU B 83 16.64 19.84 -12.16
CA LEU B 83 15.50 19.35 -11.38
C LEU B 83 14.22 19.36 -12.20
N ILE B 84 13.93 20.48 -12.87
CA ILE B 84 12.69 20.56 -13.66
C ILE B 84 12.73 19.61 -14.84
N SER B 85 13.86 19.51 -15.53
CA SER B 85 14.03 18.52 -16.60
C SER B 85 13.71 17.10 -16.13
N ILE B 86 14.31 16.69 -15.00
CA ILE B 86 14.00 15.37 -14.45
C ILE B 86 12.53 15.25 -14.11
N SER B 87 11.94 16.30 -13.53
CA SER B 87 10.53 16.24 -13.17
C SER B 87 9.64 16.02 -14.38
N LEU B 88 9.89 16.75 -15.45
CA LEU B 88 9.13 16.58 -16.69
C LEU B 88 9.31 15.19 -17.29
N VAL B 89 10.54 14.67 -17.30
CA VAL B 89 10.76 13.32 -17.83
C VAL B 89 10.03 12.27 -17.01
N LEU B 90 10.10 12.38 -15.68
CA LEU B 90 9.36 11.47 -14.82
C LEU B 90 7.85 11.58 -15.03
N GLN B 91 7.34 12.81 -15.19
CA GLN B 91 5.91 12.99 -15.40
C GLN B 91 5.44 12.39 -16.72
N ILE B 92 6.18 12.62 -17.81
CA ILE B 92 5.87 11.94 -19.08
C ILE B 92 5.87 10.42 -18.89
N GLY B 93 6.84 9.90 -18.15
CA GLY B 93 6.84 8.47 -17.83
C GLY B 93 5.58 8.00 -17.13
N VAL B 94 5.23 8.68 -16.04
CA VAL B 94 4.03 8.31 -15.29
C VAL B 94 2.78 8.44 -16.14
N GLY B 95 2.69 9.50 -16.95
CA GLY B 95 1.57 9.63 -17.86
C GLY B 95 1.42 8.46 -18.84
N VAL B 96 2.54 7.98 -19.37
CA VAL B 96 2.47 6.80 -20.24
C VAL B 96 2.09 5.54 -19.44
N LEU B 97 2.58 5.42 -18.22
CA LEU B 97 2.10 4.32 -17.38
C LEU B 97 0.60 4.41 -17.17
N LEU B 98 0.07 5.61 -16.93
CA LEU B 98 -1.36 5.76 -16.67
C LEU B 98 -2.19 5.53 -17.93
N ILE B 99 -1.61 5.81 -19.10
CA ILE B 99 -2.22 5.37 -20.35
C ILE B 99 -2.40 3.86 -20.37
N PHE B 100 -1.36 3.12 -19.99
CA PHE B 100 -1.51 1.66 -19.99
C PHE B 100 -2.38 1.16 -18.84
N LEU B 101 -2.37 1.83 -17.69
CA LEU B 101 -3.28 1.50 -16.61
C LEU B 101 -4.74 1.79 -16.95
N VAL B 102 -5.00 2.62 -17.94
CA VAL B 102 -6.35 2.75 -18.48
C VAL B 102 -6.64 1.74 -19.58
N LYS B 103 -5.68 1.48 -20.47
CA LYS B 103 -5.94 0.58 -21.59
C LYS B 103 -6.19 -0.85 -21.11
N TYR B 104 -5.35 -1.36 -20.23
CA TYR B 104 -5.58 -2.70 -19.68
C TYR B 104 -6.73 -2.67 -18.68
N ASP B 105 -7.46 -3.78 -18.63
CA ASP B 105 -8.69 -3.90 -17.86
C ASP B 105 -8.39 -4.61 -16.54
N LEU B 106 -8.74 -3.95 -15.43
CA LEU B 106 -8.49 -4.51 -14.11
C LEU B 106 -9.30 -5.75 -13.81
N ASN B 107 -10.36 -6.02 -14.58
CA ASN B 107 -11.07 -7.28 -14.48
C ASN B 107 -10.39 -8.42 -15.23
N ASN B 108 -9.50 -8.11 -16.17
CA ASN B 108 -8.88 -9.16 -16.98
C ASN B 108 -7.76 -9.82 -16.18
N PRO B 109 -7.93 -11.07 -15.77
CA PRO B 109 -6.91 -11.68 -14.89
C PRO B 109 -5.55 -11.83 -15.52
N ALA B 110 -5.45 -11.88 -16.85
CA ALA B 110 -4.15 -11.99 -17.49
C ALA B 110 -3.36 -10.69 -17.38
N LYS B 111 -4.03 -9.56 -17.19
CA LYS B 111 -3.38 -8.26 -17.05
C LYS B 111 -3.04 -7.90 -15.61
N HIS B 112 -3.46 -8.71 -14.64
CA HIS B 112 -3.17 -8.41 -13.24
C HIS B 112 -1.68 -8.30 -12.96
N ALA B 113 -0.86 -9.16 -13.55
CA ALA B 113 0.58 -9.03 -13.37
C ALA B 113 1.11 -7.71 -13.92
N LYS B 114 0.63 -7.31 -15.10
CA LYS B 114 1.04 -6.03 -15.65
C LYS B 114 0.47 -4.86 -14.86
N LEU B 115 -0.81 -4.90 -14.51
CA LEU B 115 -1.38 -3.78 -13.78
C LEU B 115 -0.77 -3.62 -12.40
N ASP B 116 -0.43 -4.73 -11.74
CA ASP B 116 0.30 -4.68 -10.47
C ASP B 116 1.68 -4.06 -10.63
N PHE B 117 2.46 -4.56 -11.59
CA PHE B 117 3.79 -3.99 -11.82
C PHE B 117 3.70 -2.50 -12.16
N LEU B 118 2.85 -2.14 -13.12
CA LEU B 118 2.70 -0.75 -13.52
C LEU B 118 2.23 0.14 -12.38
N ASN B 119 1.36 -0.36 -11.50
CA ASN B 119 0.88 0.47 -10.41
C ASN B 119 1.93 0.67 -9.33
N ASN B 120 2.70 -0.38 -9.01
CA ASN B 120 3.82 -0.19 -8.09
C ASN B 120 4.89 0.73 -8.67
N LEU B 121 5.17 0.60 -9.96
CA LEU B 121 6.12 1.49 -10.61
C LEU B 121 5.63 2.93 -10.58
N ALA B 122 4.35 3.15 -10.88
CA ALA B 122 3.80 4.50 -10.81
C ALA B 122 3.87 5.06 -9.40
N THR B 123 3.63 4.24 -8.37
CA THR B 123 3.81 4.72 -7.00
C THR B 123 5.24 5.16 -6.74
N GLY B 124 6.21 4.42 -7.26
CA GLY B 124 7.60 4.83 -7.18
C GLY B 124 7.92 6.13 -7.88
N LEU B 125 7.60 6.20 -9.16
CA LEU B 125 7.90 7.41 -9.94
C LEU B 125 7.16 8.61 -9.39
N VAL B 126 5.93 8.45 -8.91
CA VAL B 126 5.21 9.56 -8.28
C VAL B 126 5.89 10.01 -6.99
N PHE B 127 6.49 9.08 -6.24
CA PHE B 127 7.28 9.51 -5.09
C PHE B 127 8.51 10.31 -5.49
N ILE B 128 9.24 9.86 -6.51
CA ILE B 128 10.38 10.63 -7.00
C ILE B 128 9.96 11.99 -7.56
N ILE B 129 8.79 12.04 -8.21
CA ILE B 129 8.24 13.31 -8.69
C ILE B 129 7.94 14.26 -7.53
N VAL B 130 7.35 13.75 -6.46
CA VAL B 130 7.13 14.58 -5.27
C VAL B 130 8.46 15.11 -4.74
N VAL B 131 9.44 14.22 -4.53
CA VAL B 131 10.72 14.66 -3.96
C VAL B 131 11.39 15.72 -4.85
N VAL B 132 11.37 15.52 -6.16
CA VAL B 132 11.96 16.51 -7.06
C VAL B 132 11.20 17.83 -7.00
N ASN B 133 9.87 17.78 -6.97
CA ASN B 133 9.14 19.04 -6.89
C ASN B 133 9.29 19.71 -5.53
N ILE B 134 9.58 18.96 -4.48
CA ILE B 134 9.98 19.54 -3.19
C ILE B 134 11.26 20.35 -3.33
N PHE B 135 12.26 19.80 -4.01
CA PHE B 135 13.47 20.58 -4.22
C PHE B 135 13.27 21.75 -5.20
N ILE B 136 12.47 21.56 -6.24
CA ILE B 136 12.14 22.68 -7.12
C ILE B 136 11.46 23.80 -6.35
N THR B 137 10.60 23.45 -5.40
CA THR B 137 9.99 24.44 -4.51
C THR B 137 11.03 25.13 -3.66
N ALA B 138 11.93 24.35 -3.05
CA ALA B 138 12.92 24.95 -2.15
C ALA B 138 13.86 25.89 -2.89
N PHE B 139 14.21 25.58 -4.13
CA PHE B 139 15.02 26.49 -4.93
C PHE B 139 14.18 27.50 -5.72
N GLY B 140 12.87 27.50 -5.55
CA GLY B 140 12.02 28.43 -6.26
C GLY B 140 12.31 29.88 -5.92
N ASN C 33 0.06 -17.49 -8.26
CA ASN C 33 -0.23 -16.06 -8.11
C ASN C 33 -1.70 -15.85 -7.81
N ARG C 34 -2.02 -14.71 -7.20
CA ARG C 34 -3.38 -14.41 -6.76
C ARG C 34 -3.85 -13.10 -7.35
N PRO C 35 -5.16 -12.94 -7.56
CA PRO C 35 -5.67 -11.71 -8.19
C PRO C 35 -5.25 -10.44 -7.44
N ILE C 36 -5.34 -9.32 -8.17
CA ILE C 36 -5.21 -8.01 -7.55
C ILE C 36 -6.19 -7.90 -6.39
N ASN C 37 -5.70 -7.43 -5.25
CA ASN C 37 -6.57 -6.96 -4.19
C ASN C 37 -6.99 -5.53 -4.52
N VAL C 38 -8.27 -5.35 -4.90
CA VAL C 38 -8.70 -4.06 -5.42
C VAL C 38 -8.73 -2.98 -4.36
N ASN C 39 -8.84 -3.32 -3.07
CA ASN C 39 -8.68 -2.29 -2.05
C ASN C 39 -7.24 -1.80 -1.98
N HIS C 40 -6.27 -2.69 -2.14
CA HIS C 40 -4.88 -2.24 -2.25
C HIS C 40 -4.66 -1.42 -3.51
N TYR C 41 -5.25 -1.83 -4.63
CA TYR C 41 -5.08 -1.10 -5.89
C TYR C 41 -5.66 0.30 -5.80
N ALA C 42 -6.89 0.42 -5.32
CA ALA C 42 -7.50 1.73 -5.13
C ALA C 42 -6.79 2.57 -4.08
N ASN C 43 -6.31 1.95 -2.99
CA ASN C 43 -5.49 2.69 -2.03
C ASN C 43 -4.22 3.25 -2.69
N LYS C 44 -3.49 2.41 -3.41
CA LYS C 44 -2.25 2.84 -4.07
C LYS C 44 -2.50 3.95 -5.08
N GLN C 45 -3.58 3.86 -5.84
CA GLN C 45 -3.91 4.93 -6.79
C GLN C 45 -4.39 6.20 -6.10
N SER C 46 -5.18 6.09 -5.03
CA SER C 46 -5.58 7.29 -4.30
C SER C 46 -4.39 7.94 -3.60
N ALA C 47 -3.42 7.15 -3.19
CA ALA C 47 -2.15 7.68 -2.68
C ALA C 47 -1.37 8.40 -3.76
N ALA C 48 -1.27 7.81 -4.95
CA ALA C 48 -0.59 8.49 -6.05
C ALA C 48 -1.30 9.78 -6.46
N GLU C 49 -2.63 9.78 -6.42
CA GLU C 49 -3.38 11.03 -6.58
C GLU C 49 -3.03 12.03 -5.49
N SER C 50 -2.98 11.60 -4.24
CA SER C 50 -2.62 12.51 -3.15
C SER C 50 -1.22 13.09 -3.33
N MET C 51 -0.28 12.26 -3.76
CA MET C 51 1.09 12.71 -4.01
C MET C 51 1.17 13.72 -5.16
N LEU C 52 0.52 13.42 -6.29
CA LEU C 52 0.51 14.37 -7.39
C LEU C 52 -0.23 15.65 -7.04
N ASP C 53 -1.29 15.54 -6.24
CA ASP C 53 -2.00 16.70 -5.72
C ASP C 53 -1.12 17.54 -4.81
N ILE C 54 -0.34 16.91 -3.94
CA ILE C 54 0.64 17.63 -3.12
C ILE C 54 1.71 18.32 -3.97
N ALA C 55 2.24 17.64 -4.99
CA ALA C 55 3.20 18.28 -5.87
C ALA C 55 2.60 19.45 -6.65
N LEU C 56 1.32 19.36 -6.98
CA LEU C 56 0.65 20.49 -7.62
C LEU C 56 0.35 21.59 -6.61
N LEU C 57 0.04 21.24 -5.37
CA LEU C 57 -0.12 22.26 -4.33
C LEU C 57 1.17 23.04 -4.14
N MET C 58 2.31 22.35 -4.18
CA MET C 58 3.59 23.05 -4.14
C MET C 58 3.77 23.98 -5.33
N ALA C 59 3.49 23.49 -6.54
CA ALA C 59 3.65 24.34 -7.73
C ALA C 59 2.71 25.55 -7.72
N ASN C 60 1.45 25.35 -7.35
CA ASN C 60 0.50 26.44 -7.27
C ASN C 60 0.82 27.40 -6.13
N ALA C 61 1.24 26.91 -4.96
CA ALA C 61 1.59 27.81 -3.88
C ALA C 61 2.82 28.65 -4.21
N SER C 62 3.82 28.05 -4.87
CA SER C 62 4.95 28.81 -5.36
C SER C 62 4.54 29.87 -6.38
N GLN C 63 3.68 29.52 -7.33
CA GLN C 63 3.17 30.51 -8.27
C GLN C 63 2.37 31.62 -7.58
N LEU C 64 1.54 31.25 -6.61
CA LEU C 64 0.79 32.24 -5.85
C LEU C 64 1.72 33.21 -5.15
N LYS C 65 2.73 32.70 -4.45
CA LYS C 65 3.68 33.58 -3.79
C LYS C 65 4.41 34.48 -4.78
N ALA C 66 4.85 33.92 -5.92
CA ALA C 66 5.51 34.71 -6.94
C ALA C 66 4.60 35.78 -7.55
N VAL C 67 3.29 35.56 -7.56
CA VAL C 67 2.36 36.60 -8.05
C VAL C 67 2.07 37.64 -6.98
N VAL C 68 1.76 37.22 -5.77
CA VAL C 68 1.47 38.17 -4.69
C VAL C 68 2.67 39.05 -4.40
N GLU C 69 3.88 38.53 -4.54
CA GLU C 69 5.08 39.34 -4.36
C GLU C 69 5.26 40.38 -5.47
N GLN C 70 4.69 40.16 -6.65
CA GLN C 70 4.69 41.20 -7.68
C GLN C 70 3.56 42.20 -7.50
N GLY C 71 2.43 41.77 -6.95
CA GLY C 71 1.39 42.69 -6.54
C GLY C 71 0.55 43.28 -7.66
N ASN C 72 -0.25 44.26 -7.25
CA ASN C 72 -1.34 44.79 -8.06
C ASN C 72 -0.89 45.34 -9.41
N ASP C 73 0.39 45.68 -9.56
CA ASP C 73 0.86 46.29 -10.80
C ASP C 73 0.89 45.33 -11.98
N PHE C 74 0.87 44.02 -11.74
CA PHE C 74 0.89 43.07 -12.85
C PHE C 74 -0.46 43.07 -13.58
N ALA C 75 -0.39 42.98 -14.91
CA ALA C 75 -1.54 43.17 -15.78
C ALA C 75 -2.68 42.19 -15.48
N PHE C 76 -2.36 40.97 -15.08
CA PHE C 76 -3.36 39.94 -14.83
C PHE C 76 -3.46 39.54 -13.36
N PHE C 77 -2.97 40.40 -12.47
CA PHE C 77 -2.86 40.05 -11.05
C PHE C 77 -4.18 39.50 -10.49
N VAL C 78 -5.27 40.24 -10.64
CA VAL C 78 -6.56 39.85 -10.08
C VAL C 78 -7.03 38.49 -10.60
N PRO C 79 -7.18 38.29 -11.91
CA PRO C 79 -7.66 36.98 -12.38
C PRO C 79 -6.70 35.85 -12.09
N LEU C 80 -5.39 36.10 -12.10
CA LEU C 80 -4.44 35.03 -11.83
C LEU C 80 -4.45 34.61 -10.37
N VAL C 81 -4.50 35.57 -9.45
CA VAL C 81 -4.64 35.26 -8.03
C VAL C 81 -5.95 34.54 -7.75
N VAL C 82 -7.04 34.97 -8.40
CA VAL C 82 -8.32 34.28 -8.25
C VAL C 82 -8.23 32.83 -8.72
N LEU C 83 -7.66 32.62 -9.91
CA LEU C 83 -7.56 31.27 -10.45
C LEU C 83 -6.69 30.37 -9.59
N ILE C 84 -5.53 30.87 -9.14
CA ILE C 84 -4.67 30.06 -8.28
C ILE C 84 -5.34 29.78 -6.94
N SER C 85 -6.07 30.74 -6.38
CA SER C 85 -6.80 30.51 -5.13
C SER C 85 -7.88 29.44 -5.30
N ILE C 86 -8.64 29.51 -6.39
CA ILE C 86 -9.62 28.47 -6.69
C ILE C 86 -8.93 27.11 -6.84
N SER C 87 -7.81 27.07 -7.56
CA SER C 87 -7.08 25.83 -7.72
C SER C 87 -6.65 25.24 -6.38
N LEU C 88 -6.11 26.08 -5.50
CA LEU C 88 -5.70 25.60 -4.18
C LEU C 88 -6.88 25.12 -3.35
N VAL C 89 -7.97 25.89 -3.29
CA VAL C 89 -9.11 25.47 -2.49
C VAL C 89 -9.67 24.15 -2.99
N LEU C 90 -9.86 24.04 -4.32
CA LEU C 90 -10.33 22.80 -4.91
C LEU C 90 -9.39 21.65 -4.63
N GLN C 91 -8.09 21.93 -4.60
CA GLN C 91 -7.09 20.88 -4.56
C GLN C 91 -6.86 20.35 -3.15
N ILE C 92 -6.87 21.23 -2.14
CA ILE C 92 -7.03 20.80 -0.75
C ILE C 92 -8.31 20.02 -0.54
N GLY C 93 -9.41 20.45 -1.16
CA GLY C 93 -10.64 19.68 -1.07
C GLY C 93 -10.53 18.29 -1.66
N VAL C 94 -9.90 18.17 -2.83
CA VAL C 94 -9.62 16.86 -3.41
C VAL C 94 -8.76 16.02 -2.48
N GLY C 95 -7.71 16.61 -1.90
CA GLY C 95 -6.89 15.86 -0.95
C GLY C 95 -7.66 15.31 0.23
N VAL C 96 -8.58 16.11 0.78
CA VAL C 96 -9.48 15.61 1.83
C VAL C 96 -10.39 14.50 1.31
N LEU C 97 -10.90 14.64 0.09
CA LEU C 97 -11.72 13.57 -0.46
C LEU C 97 -10.91 12.29 -0.62
N LEU C 98 -9.69 12.39 -1.14
CA LEU C 98 -8.85 11.21 -1.31
C LEU C 98 -8.53 10.55 0.03
N ILE C 99 -8.41 11.35 1.09
CA ILE C 99 -8.25 10.79 2.43
C ILE C 99 -9.51 10.09 2.92
N PHE C 100 -10.69 10.54 2.49
CA PHE C 100 -11.91 9.80 2.79
C PHE C 100 -12.14 8.57 1.91
N LEU C 101 -11.69 8.59 0.66
CA LEU C 101 -11.73 7.40 -0.19
C LEU C 101 -10.97 6.24 0.43
N VAL C 102 -9.75 6.48 0.87
CA VAL C 102 -8.94 5.44 1.50
C VAL C 102 -9.56 4.93 2.79
N LYS C 103 -10.53 5.65 3.35
CA LYS C 103 -11.19 5.19 4.57
C LYS C 103 -12.09 3.98 4.35
N TYR C 104 -12.64 3.81 3.14
CA TYR C 104 -13.64 2.78 2.89
C TYR C 104 -13.05 1.64 2.07
N ASP C 105 -13.34 0.41 2.50
CA ASP C 105 -12.82 -0.80 1.88
C ASP C 105 -13.55 -1.06 0.57
N LEU C 106 -12.81 -0.97 -0.55
CA LEU C 106 -13.37 -1.25 -1.86
C LEU C 106 -13.71 -2.72 -2.05
N ASN C 107 -13.36 -3.59 -1.10
CA ASN C 107 -13.84 -4.96 -1.10
C ASN C 107 -15.27 -5.11 -0.59
N ASN C 108 -15.87 -4.08 0.01
CA ASN C 108 -17.12 -4.26 0.73
C ASN C 108 -18.27 -3.65 -0.06
N PRO C 109 -19.18 -4.46 -0.63
CA PRO C 109 -20.35 -3.93 -1.33
C PRO C 109 -21.23 -2.97 -0.56
N ALA C 110 -21.20 -3.00 0.77
CA ALA C 110 -21.97 -2.02 1.54
C ALA C 110 -21.48 -0.59 1.38
N LYS C 111 -20.24 -0.40 0.93
CA LYS C 111 -19.62 0.91 0.87
C LYS C 111 -19.31 1.34 -0.55
N HIS C 112 -19.62 0.50 -1.54
CA HIS C 112 -19.39 0.85 -2.93
C HIS C 112 -20.17 2.09 -3.36
N ALA C 113 -21.37 2.29 -2.84
CA ALA C 113 -22.12 3.50 -3.17
C ALA C 113 -21.38 4.77 -2.75
N LYS C 114 -20.87 4.80 -1.52
CA LYS C 114 -20.09 5.96 -1.09
C LYS C 114 -18.75 6.04 -1.81
N LEU C 115 -18.07 4.91 -1.99
CA LEU C 115 -16.78 4.95 -2.69
C LEU C 115 -16.94 5.52 -4.09
N ASP C 116 -17.94 5.03 -4.84
CA ASP C 116 -18.16 5.52 -6.18
C ASP C 116 -18.59 6.98 -6.21
N PHE C 117 -19.44 7.40 -5.27
CA PHE C 117 -19.80 8.82 -5.21
C PHE C 117 -18.60 9.71 -4.92
N LEU C 118 -17.82 9.36 -3.91
CA LEU C 118 -16.65 10.16 -3.56
C LEU C 118 -15.61 10.17 -4.67
N ASN C 119 -15.43 9.06 -5.38
CA ASN C 119 -14.47 9.04 -6.48
C ASN C 119 -14.97 9.81 -7.70
N ASN C 120 -16.28 9.76 -7.98
CA ASN C 120 -16.85 10.66 -8.98
C ASN C 120 -16.57 12.12 -8.62
N LEU C 121 -16.82 12.49 -7.37
CA LEU C 121 -16.62 13.87 -6.95
C LEU C 121 -15.15 14.28 -7.05
N ALA C 122 -14.25 13.41 -6.57
CA ALA C 122 -12.82 13.69 -6.68
C ALA C 122 -12.37 13.84 -8.12
N THR C 123 -12.84 12.97 -9.02
CA THR C 123 -12.45 13.10 -10.42
C THR C 123 -13.01 14.36 -11.07
N GLY C 124 -14.24 14.73 -10.72
CA GLY C 124 -14.80 15.97 -11.23
C GLY C 124 -14.02 17.19 -10.77
N LEU C 125 -13.71 17.24 -9.48
CA LEU C 125 -12.89 18.33 -8.96
C LEU C 125 -11.50 18.35 -9.56
N VAL C 126 -10.91 17.18 -9.82
CA VAL C 126 -9.62 17.14 -10.50
C VAL C 126 -9.72 17.67 -11.92
N PHE C 127 -10.80 17.35 -12.63
CA PHE C 127 -11.01 17.93 -13.96
C PHE C 127 -11.12 19.45 -13.90
N ILE C 128 -11.86 19.97 -12.93
CA ILE C 128 -11.95 21.42 -12.76
C ILE C 128 -10.58 22.03 -12.42
N ILE C 129 -9.80 21.33 -11.58
CA ILE C 129 -8.44 21.75 -11.28
C ILE C 129 -7.58 21.81 -12.52
N VAL C 130 -7.71 20.84 -13.41
CA VAL C 130 -6.99 20.91 -14.69
C VAL C 130 -7.41 22.13 -15.50
N VAL C 131 -8.72 22.35 -15.63
CA VAL C 131 -9.18 23.49 -16.43
C VAL C 131 -8.67 24.81 -15.84
N VAL C 132 -8.67 24.92 -14.52
CA VAL C 132 -8.11 26.10 -13.86
C VAL C 132 -6.60 26.20 -14.09
N ASN C 133 -5.88 25.09 -14.03
CA ASN C 133 -4.45 25.18 -14.29
C ASN C 133 -4.13 25.44 -15.76
N ILE C 134 -5.04 25.11 -16.67
CA ILE C 134 -4.92 25.56 -18.05
C ILE C 134 -5.01 27.08 -18.13
N PHE C 135 -5.94 27.68 -17.40
CA PHE C 135 -6.04 29.14 -17.43
C PHE C 135 -4.91 29.80 -16.65
N ILE C 136 -4.49 29.22 -15.53
CA ILE C 136 -3.29 29.68 -14.82
C ILE C 136 -2.08 29.67 -15.75
N THR C 137 -1.91 28.61 -16.54
CA THR C 137 -0.79 28.57 -17.48
C THR C 137 -0.96 29.62 -18.58
N ALA C 138 -2.17 29.77 -19.10
CA ALA C 138 -2.40 30.73 -20.18
C ALA C 138 -2.11 32.16 -19.74
N PHE C 139 -2.43 32.51 -18.50
CA PHE C 139 -2.01 33.82 -17.99
C PHE C 139 -0.55 33.87 -17.56
N GLY C 140 0.00 32.78 -17.03
CA GLY C 140 1.38 32.78 -16.61
C GLY C 140 2.37 32.81 -17.76
N VAL C 141 1.96 32.37 -18.95
CA VAL C 141 2.84 32.40 -20.10
C VAL C 141 3.08 33.82 -20.58
N GLN C 142 2.17 34.75 -20.30
CA GLN C 142 2.30 36.12 -20.74
C GLN C 142 3.59 36.75 -20.21
N ASN D 33 9.94 -16.93 15.05
CA ASN D 33 9.06 -18.08 14.89
C ASN D 33 7.60 -17.65 15.01
N ARG D 34 7.33 -16.70 15.90
CA ARG D 34 5.99 -16.14 16.02
C ARG D 34 5.78 -15.03 15.00
N PRO D 35 4.53 -14.74 14.64
CA PRO D 35 4.26 -13.67 13.69
C PRO D 35 4.49 -12.29 14.29
N ILE D 36 4.38 -11.28 13.43
CA ILE D 36 4.42 -9.90 13.90
C ILE D 36 3.34 -9.69 14.94
N ASN D 37 3.72 -9.10 16.08
CA ASN D 37 2.76 -8.57 17.03
C ASN D 37 2.35 -7.18 16.57
N VAL D 38 1.12 -7.07 16.05
CA VAL D 38 0.68 -5.83 15.42
C VAL D 38 0.58 -4.68 16.41
N ASN D 39 0.49 -4.95 17.71
CA ASN D 39 0.60 -3.85 18.67
C ASN D 39 2.00 -3.26 18.69
N HIS D 40 3.03 -4.11 18.71
CA HIS D 40 4.40 -3.59 18.63
C HIS D 40 4.66 -2.91 17.29
N TYR D 41 4.05 -3.40 16.21
CA TYR D 41 4.19 -2.78 14.90
C TYR D 41 3.55 -1.39 14.86
N ALA D 42 2.30 -1.30 15.31
CA ALA D 42 1.63 0.00 15.39
C ALA D 42 2.34 0.95 16.36
N ASN D 43 2.89 0.44 17.45
CA ASN D 43 3.66 1.29 18.35
C ASN D 43 4.94 1.82 17.71
N LYS D 44 5.70 0.95 17.04
CA LYS D 44 6.90 1.40 16.34
C LYS D 44 6.56 2.44 15.27
N GLN D 45 5.48 2.22 14.52
CA GLN D 45 5.04 3.21 13.53
C GLN D 45 4.61 4.53 14.17
N SER D 46 3.78 4.48 15.22
CA SER D 46 3.35 5.70 15.89
C SER D 46 4.52 6.44 16.54
N ALA D 47 5.51 5.70 17.05
CA ALA D 47 6.74 6.32 17.53
C ALA D 47 7.53 6.99 16.40
N ALA D 48 7.65 6.33 15.25
CA ALA D 48 8.32 6.96 14.12
C ALA D 48 7.58 8.22 13.64
N GLU D 49 6.26 8.17 13.58
CA GLU D 49 5.47 9.36 13.35
C GLU D 49 5.73 10.45 14.39
N SER D 50 5.82 10.08 15.67
CA SER D 50 6.12 11.06 16.71
C SER D 50 7.51 11.65 16.55
N MET D 51 8.48 10.87 16.08
CA MET D 51 9.84 11.37 15.90
C MET D 51 9.96 12.28 14.67
N LEU D 52 9.27 11.94 13.58
CA LEU D 52 9.20 12.85 12.44
C LEU D 52 8.44 14.12 12.81
N ASP D 53 7.39 14.00 13.61
CA ASP D 53 6.67 15.15 14.13
C ASP D 53 7.58 16.04 14.99
N ILE D 54 8.34 15.45 15.91
CA ILE D 54 9.27 16.22 16.71
C ILE D 54 10.34 16.90 15.86
N ALA D 55 10.88 16.20 14.86
CA ALA D 55 11.84 16.83 13.96
C ALA D 55 11.24 18.01 13.20
N LEU D 56 9.99 17.87 12.76
CA LEU D 56 9.34 18.99 12.08
C LEU D 56 8.99 20.10 13.05
N LEU D 57 8.64 19.75 14.28
CA LEU D 57 8.38 20.74 15.32
C LEU D 57 9.61 21.60 15.56
N MET D 58 10.79 20.97 15.62
CA MET D 58 12.03 21.74 15.75
C MET D 58 12.33 22.58 14.51
N ALA D 59 12.15 22.02 13.32
CA ALA D 59 12.39 22.80 12.10
C ALA D 59 11.48 24.02 12.01
N ASN D 60 10.19 23.83 12.30
CA ASN D 60 9.25 24.94 12.33
C ASN D 60 9.56 25.95 13.44
N ALA D 61 9.94 25.50 14.62
CA ALA D 61 10.28 26.46 15.67
C ALA D 61 11.54 27.24 15.34
N SER D 62 12.52 26.62 14.69
CA SER D 62 13.69 27.35 14.19
C SER D 62 13.31 28.38 13.12
N GLN D 63 12.42 28.00 12.20
CA GLN D 63 11.90 29.00 11.27
C GLN D 63 11.15 30.12 11.99
N LEU D 64 10.34 29.78 12.99
CA LEU D 64 9.61 30.80 13.73
C LEU D 64 10.56 31.80 14.36
N LYS D 65 11.61 31.30 15.01
CA LYS D 65 12.64 32.19 15.55
C LYS D 65 13.24 33.08 14.48
N ALA D 66 13.68 32.49 13.36
CA ALA D 66 14.29 33.27 12.28
C ALA D 66 13.35 34.32 11.71
N VAL D 67 12.04 34.05 11.67
CA VAL D 67 11.08 35.03 11.18
C VAL D 67 10.82 36.11 12.21
N VAL D 68 10.64 35.74 13.48
CA VAL D 68 10.38 36.72 14.53
C VAL D 68 11.57 37.64 14.72
N GLU D 69 12.79 37.16 14.44
CA GLU D 69 13.95 38.05 14.48
C GLU D 69 13.94 39.06 13.33
N GLN D 70 13.33 38.73 12.19
CA GLN D 70 13.16 39.73 11.14
C GLN D 70 11.99 40.67 11.44
N GLY D 71 10.88 40.11 11.93
CA GLY D 71 9.75 40.93 12.32
C GLY D 71 9.06 41.64 11.17
N ASN D 72 8.41 42.76 11.51
CA ASN D 72 7.59 43.51 10.57
C ASN D 72 8.36 44.07 9.39
N ASP D 73 9.69 43.96 9.37
CA ASP D 73 10.45 44.35 8.20
C ASP D 73 10.22 43.44 7.00
N PHE D 74 9.67 42.24 7.21
CA PHE D 74 9.45 41.30 6.12
C PHE D 74 7.98 41.31 5.69
N ALA D 75 7.76 41.41 4.38
CA ALA D 75 6.42 41.63 3.83
C ALA D 75 5.45 40.49 4.10
N PHE D 76 5.96 39.27 4.30
CA PHE D 76 5.11 38.13 4.63
C PHE D 76 5.23 37.70 6.09
N PHE D 77 5.69 38.60 6.96
CA PHE D 77 5.83 38.28 8.37
C PHE D 77 4.54 37.71 8.96
N VAL D 78 3.43 38.45 8.83
CA VAL D 78 2.19 38.03 9.46
C VAL D 78 1.68 36.68 8.95
N PRO D 79 1.56 36.46 7.64
CA PRO D 79 1.08 35.14 7.20
C PRO D 79 2.04 34.01 7.50
N LEU D 80 3.35 34.25 7.42
CA LEU D 80 4.30 33.18 7.70
C LEU D 80 4.27 32.79 9.17
N VAL D 81 4.18 33.78 10.07
CA VAL D 81 4.00 33.51 11.49
C VAL D 81 2.70 32.76 11.76
N VAL D 82 1.61 33.15 11.09
CA VAL D 82 0.34 32.45 11.26
C VAL D 82 0.45 30.99 10.81
N LEU D 83 1.04 30.76 9.63
CA LEU D 83 1.20 29.41 9.12
C LEU D 83 2.06 28.56 10.05
N ILE D 84 3.20 29.09 10.50
CA ILE D 84 4.07 28.31 11.38
C ILE D 84 3.37 28.00 12.71
N SER D 85 2.67 28.99 13.29
CA SER D 85 1.95 28.74 14.53
C SER D 85 0.85 27.70 14.37
N ILE D 86 0.10 27.77 13.27
CA ILE D 86 -0.91 26.74 12.98
C ILE D 86 -0.25 25.38 12.82
N SER D 87 0.91 25.32 12.17
CA SER D 87 1.60 24.04 12.02
C SER D 87 2.01 23.48 13.38
N LEU D 88 2.57 24.33 14.24
CA LEU D 88 2.99 23.87 15.56
C LEU D 88 1.81 23.35 16.37
N VAL D 89 0.72 24.12 16.42
CA VAL D 89 -0.46 23.68 17.18
C VAL D 89 -1.04 22.39 16.61
N LEU D 90 -1.11 22.27 15.28
CA LEU D 90 -1.61 21.04 14.68
C LEU D 90 -0.73 19.85 15.01
N GLN D 91 0.58 20.02 14.92
CA GLN D 91 1.45 18.86 15.04
C GLN D 91 1.71 18.49 16.50
N ILE D 92 1.66 19.44 17.43
CA ILE D 92 1.49 19.09 18.85
C ILE D 92 0.22 18.27 19.07
N GLY D 93 -0.89 18.67 18.46
CA GLY D 93 -2.10 17.86 18.55
C GLY D 93 -1.94 16.46 17.99
N VAL D 94 -1.25 16.34 16.86
CA VAL D 94 -0.94 15.03 16.31
C VAL D 94 -0.05 14.22 17.24
N GLY D 95 0.97 14.84 17.81
CA GLY D 95 1.80 14.14 18.78
C GLY D 95 1.02 13.60 19.97
N VAL D 96 0.05 14.35 20.47
CA VAL D 96 -0.85 13.85 21.51
C VAL D 96 -1.73 12.71 21.01
N LEU D 97 -2.17 12.78 19.75
CA LEU D 97 -2.88 11.63 19.19
C LEU D 97 -1.99 10.40 19.10
N LEU D 98 -0.75 10.58 18.67
CA LEU D 98 0.18 9.45 18.55
C LEU D 98 0.51 8.86 19.92
N ILE D 99 0.55 9.69 20.96
CA ILE D 99 0.69 9.17 22.33
C ILE D 99 -0.50 8.30 22.71
N PHE D 100 -1.72 8.69 22.33
CA PHE D 100 -2.85 7.81 22.60
C PHE D 100 -2.86 6.57 21.71
N LEU D 101 -2.45 6.69 20.45
CA LEU D 101 -2.29 5.54 19.57
C LEU D 101 -1.22 4.57 20.07
N VAL D 102 -0.26 5.05 20.85
CA VAL D 102 0.66 4.14 21.55
C VAL D 102 0.03 3.56 22.81
N LYS D 103 -0.82 4.32 23.51
CA LYS D 103 -1.40 3.81 24.74
C LYS D 103 -2.40 2.68 24.49
N TYR D 104 -3.29 2.83 23.50
CA TYR D 104 -4.28 1.80 23.24
C TYR D 104 -3.68 0.60 22.51
N ASP D 105 -4.03 -0.59 23.00
CA ASP D 105 -3.48 -1.85 22.49
C ASP D 105 -4.26 -2.30 21.26
N LEU D 106 -3.59 -2.30 20.11
CA LEU D 106 -4.19 -2.75 18.86
C LEU D 106 -4.53 -4.23 18.85
N ASN D 107 -4.05 -5.01 19.83
CA ASN D 107 -4.52 -6.38 19.99
C ASN D 107 -5.89 -6.48 20.64
N ASN D 108 -6.32 -5.48 21.39
CA ASN D 108 -7.59 -5.56 22.09
C ASN D 108 -8.72 -5.31 21.10
N PRO D 109 -9.63 -6.26 20.88
CA PRO D 109 -10.63 -6.10 19.81
C PRO D 109 -11.68 -5.06 20.10
N ALA D 110 -11.86 -4.63 21.36
CA ALA D 110 -12.82 -3.58 21.65
C ALA D 110 -12.27 -2.18 21.45
N LYS D 111 -10.98 -1.98 21.73
CA LYS D 111 -10.36 -0.67 21.56
C LYS D 111 -10.19 -0.27 20.11
N HIS D 112 -10.46 -1.17 19.17
CA HIS D 112 -10.40 -0.83 17.75
C HIS D 112 -11.29 0.35 17.38
N ALA D 113 -12.45 0.48 18.02
CA ALA D 113 -13.33 1.61 17.71
C ALA D 113 -12.63 2.94 17.94
N LYS D 114 -11.89 3.08 19.03
CA LYS D 114 -11.12 4.30 19.27
C LYS D 114 -9.89 4.39 18.38
N LEU D 115 -9.19 3.28 18.19
CA LEU D 115 -7.96 3.30 17.40
C LEU D 115 -8.19 3.70 15.96
N ASP D 116 -9.26 3.19 15.33
CA ASP D 116 -9.54 3.56 13.95
C ASP D 116 -9.90 5.04 13.85
N PHE D 117 -10.75 5.52 14.75
CA PHE D 117 -11.15 6.92 14.74
C PHE D 117 -9.94 7.84 14.89
N LEU D 118 -9.13 7.60 15.91
CA LEU D 118 -7.96 8.44 16.14
C LEU D 118 -6.91 8.31 15.05
N ASN D 119 -6.77 7.16 14.40
CA ASN D 119 -5.83 7.07 13.29
C ASN D 119 -6.32 7.78 12.04
N ASN D 120 -7.63 7.75 11.77
CA ASN D 120 -8.20 8.62 10.75
C ASN D 120 -7.92 10.09 11.06
N LEU D 121 -8.21 10.50 12.29
CA LEU D 121 -8.02 11.89 12.67
C LEU D 121 -6.56 12.31 12.53
N ALA D 122 -5.63 11.46 13.00
CA ALA D 122 -4.21 11.73 12.84
C ALA D 122 -3.81 11.86 11.38
N THR D 123 -4.35 11.00 10.51
CA THR D 123 -4.05 11.13 9.08
C THR D 123 -4.56 12.44 8.50
N GLY D 124 -5.75 12.87 8.91
CA GLY D 124 -6.27 14.15 8.46
C GLY D 124 -5.45 15.33 8.93
N LEU D 125 -5.14 15.37 10.23
CA LEU D 125 -4.32 16.44 10.77
C LEU D 125 -2.92 16.45 10.17
N VAL D 126 -2.34 15.28 9.92
CA VAL D 126 -1.05 15.22 9.22
C VAL D 126 -1.16 15.76 7.80
N PHE D 127 -2.26 15.50 7.11
CA PHE D 127 -2.45 16.11 5.80
C PHE D 127 -2.52 17.62 5.87
N ILE D 128 -3.28 18.16 6.82
CA ILE D 128 -3.33 19.62 6.98
C ILE D 128 -1.96 20.18 7.34
N ILE D 129 -1.19 19.46 8.16
CA ILE D 129 0.18 19.87 8.47
C ILE D 129 1.04 19.92 7.22
N VAL D 130 0.87 18.94 6.33
CA VAL D 130 1.56 18.98 5.03
C VAL D 130 1.16 20.23 4.25
N VAL D 131 -0.14 20.47 4.11
CA VAL D 131 -0.61 21.64 3.35
C VAL D 131 0.00 22.93 3.91
N VAL D 132 -0.03 23.08 5.23
CA VAL D 132 0.54 24.28 5.83
C VAL D 132 2.06 24.35 5.67
N ASN D 133 2.76 23.21 5.71
CA ASN D 133 4.19 23.27 5.44
C ASN D 133 4.50 23.53 3.97
N ILE D 134 3.59 23.18 3.07
CA ILE D 134 3.71 23.59 1.67
C ILE D 134 3.65 25.10 1.56
N PHE D 135 2.68 25.71 2.24
CA PHE D 135 2.60 27.18 2.22
C PHE D 135 3.76 27.84 2.95
N ILE D 136 4.23 27.26 4.05
CA ILE D 136 5.41 27.78 4.73
C ILE D 136 6.62 27.75 3.81
N THR D 137 6.81 26.66 3.08
CA THR D 137 7.95 26.55 2.18
C THR D 137 7.83 27.50 1.00
N ALA D 138 6.63 27.68 0.46
CA ALA D 138 6.43 28.63 -0.63
C ALA D 138 6.67 30.06 -0.17
N PHE D 139 6.22 30.43 1.02
CA PHE D 139 6.38 31.82 1.48
C PHE D 139 7.74 32.10 2.12
N GLY D 140 8.48 31.07 2.53
CA GLY D 140 9.77 31.31 3.14
C GLY D 140 10.90 31.58 2.17
N VAL D 141 10.79 31.08 0.94
CA VAL D 141 11.84 31.31 -0.04
C VAL D 141 11.87 32.78 -0.44
N GLU E 1 -12.93 -21.89 27.55
CA GLU E 1 -11.52 -22.30 27.27
C GLU E 1 -11.30 -22.44 25.76
N VAL E 2 -10.19 -21.91 25.28
CA VAL E 2 -9.75 -22.13 23.91
C VAL E 2 -9.16 -23.53 23.80
N GLN E 3 -9.65 -24.31 22.82
CA GLN E 3 -9.19 -25.67 22.61
C GLN E 3 -8.88 -25.88 21.14
N LEU E 4 -7.78 -26.58 20.87
CA LEU E 4 -7.44 -27.08 19.54
C LEU E 4 -7.57 -28.59 19.55
N VAL E 5 -8.41 -29.11 18.66
CA VAL E 5 -8.59 -30.55 18.49
C VAL E 5 -7.83 -31.00 17.26
N GLU E 6 -6.88 -31.90 17.45
CA GLU E 6 -5.89 -32.26 16.44
C GLU E 6 -6.09 -33.73 16.04
N SER E 7 -5.91 -34.01 14.76
CA SER E 7 -6.08 -35.37 14.27
C SER E 7 -5.28 -35.55 12.97
N GLY E 8 -5.05 -36.81 12.63
CA GLY E 8 -4.48 -37.20 11.35
C GLY E 8 -3.07 -37.75 11.41
N GLY E 9 -2.45 -37.80 12.59
CA GLY E 9 -1.15 -38.43 12.69
C GLY E 9 -1.21 -39.92 12.43
N GLY E 10 -0.05 -40.50 12.12
CA GLY E 10 -0.02 -41.91 11.79
C GLY E 10 1.36 -42.35 11.34
N LEU E 11 1.41 -43.59 10.87
CA LEU E 11 2.61 -44.24 10.36
C LEU E 11 2.48 -44.43 8.85
N VAL E 12 3.49 -43.97 8.11
CA VAL E 12 3.45 -44.02 6.66
C VAL E 12 4.84 -44.36 6.12
N GLN E 13 4.85 -44.93 4.92
CA GLN E 13 6.09 -45.20 4.21
C GLN E 13 6.69 -43.92 3.66
N PRO E 14 8.02 -43.84 3.57
CA PRO E 14 8.65 -42.69 2.89
C PRO E 14 8.03 -42.44 1.53
N GLY E 15 7.96 -41.17 1.17
CA GLY E 15 7.27 -40.75 -0.05
C GLY E 15 5.77 -40.73 0.06
N GLY E 16 5.21 -41.20 1.16
CA GLY E 16 3.77 -41.22 1.34
C GLY E 16 3.21 -39.85 1.63
N SER E 17 1.91 -39.83 1.96
CA SER E 17 1.17 -38.61 2.20
C SER E 17 0.34 -38.73 3.47
N LEU E 18 0.12 -37.59 4.12
CA LEU E 18 -0.72 -37.53 5.30
C LEU E 18 -1.46 -36.20 5.29
N ARG E 19 -2.55 -36.14 6.06
CA ARG E 19 -3.33 -34.90 6.19
C ARG E 19 -3.71 -34.68 7.64
N LEU E 20 -3.04 -33.74 8.28
CA LEU E 20 -3.42 -33.30 9.62
C LEU E 20 -4.56 -32.30 9.54
N SER E 21 -5.41 -32.29 10.56
CA SER E 21 -6.47 -31.30 10.69
C SER E 21 -6.50 -30.75 12.10
N CYS E 22 -6.93 -29.49 12.22
CA CYS E 22 -6.94 -28.78 13.50
C CYS E 22 -8.19 -27.89 13.56
N ALA E 23 -9.19 -28.32 14.33
CA ALA E 23 -10.39 -27.54 14.57
C ALA E 23 -10.21 -26.72 15.84
N ALA E 24 -10.37 -25.41 15.73
CA ALA E 24 -10.19 -24.48 16.84
C ALA E 24 -11.54 -23.94 17.27
N SER E 25 -11.75 -23.84 18.58
CA SER E 25 -13.02 -23.36 19.12
C SER E 25 -12.77 -22.62 20.42
N GLY E 26 -13.77 -21.85 20.83
CA GLY E 26 -13.74 -21.12 22.08
C GLY E 26 -13.38 -19.65 21.98
N PHE E 27 -13.26 -19.11 20.76
CA PHE E 27 -13.00 -17.70 20.56
C PHE E 27 -13.77 -17.23 19.33
N ASN E 28 -14.15 -15.97 19.32
CA ASN E 28 -14.79 -15.39 18.15
C ASN E 28 -13.75 -15.16 17.05
N VAL E 29 -14.18 -15.35 15.81
CA VAL E 29 -13.36 -15.07 14.65
C VAL E 29 -14.18 -14.30 13.62
N TYR E 30 -13.52 -13.37 12.93
CA TYR E 30 -14.11 -12.59 11.87
C TYR E 30 -13.12 -12.55 10.71
N SER E 31 -13.63 -12.30 9.52
CA SER E 31 -12.75 -11.80 8.46
C SER E 31 -12.10 -10.49 8.90
N SER E 32 -10.91 -10.24 8.34
CA SER E 32 -10.07 -9.14 8.78
C SER E 32 -9.59 -9.26 10.23
N SER E 33 -9.96 -10.34 10.92
CA SER E 33 -9.29 -10.65 12.17
C SER E 33 -7.82 -10.99 11.92
N TYR E 34 -6.96 -10.58 12.86
CA TYR E 34 -5.54 -10.89 12.77
C TYR E 34 -5.32 -12.28 13.38
N TYR E 35 -5.60 -13.29 12.57
CA TYR E 35 -5.72 -14.67 13.03
C TYR E 35 -4.79 -15.52 12.18
N TYR E 36 -4.04 -16.41 12.83
CA TYR E 36 -3.29 -17.44 12.13
C TYR E 36 -3.56 -18.81 12.74
N VAL E 37 -3.49 -19.82 11.89
CA VAL E 37 -3.33 -21.21 12.30
C VAL E 37 -2.05 -21.73 11.66
N GLY E 38 -1.37 -22.64 12.36
CA GLY E 38 -0.13 -23.15 11.82
C GLY E 38 0.19 -24.49 12.43
N TRP E 39 1.33 -25.05 12.01
CA TRP E 39 1.78 -26.34 12.49
C TRP E 39 3.26 -26.27 12.82
N VAL E 40 3.64 -26.79 13.98
CA VAL E 40 5.02 -26.77 14.46
C VAL E 40 5.41 -28.20 14.79
N ARG E 41 6.63 -28.57 14.44
CA ARG E 41 7.11 -29.93 14.66
C ARG E 41 8.34 -29.94 15.57
N ARG E 42 8.43 -31.00 16.37
CA ARG E 42 9.51 -31.22 17.33
C ARG E 42 10.01 -32.65 17.21
N ALA E 43 11.32 -32.83 17.29
CA ALA E 43 11.92 -34.15 17.18
C ALA E 43 13.13 -34.22 18.09
N PRO E 44 13.48 -35.42 18.57
CA PRO E 44 14.70 -35.57 19.39
C PRO E 44 15.93 -35.03 18.69
N GLY E 45 16.75 -34.30 19.45
CA GLY E 45 18.02 -33.80 18.96
C GLY E 45 17.93 -32.66 17.96
N LYS E 46 16.76 -32.04 17.81
CA LYS E 46 16.59 -30.95 16.85
C LYS E 46 15.80 -29.84 17.51
N GLY E 47 15.92 -28.64 16.93
CA GLY E 47 15.12 -27.52 17.38
C GLY E 47 13.67 -27.60 16.94
N GLU E 48 12.84 -26.82 17.64
CA GLU E 48 11.45 -26.63 17.24
C GLU E 48 11.39 -25.87 15.92
N GLU E 49 10.66 -26.43 14.95
CA GLU E 49 10.58 -25.89 13.60
C GLU E 49 9.14 -25.56 13.26
N LEU E 50 8.90 -24.32 12.85
CA LEU E 50 7.61 -23.94 12.28
C LEU E 50 7.46 -24.53 10.87
N VAL E 51 6.47 -25.39 10.70
CA VAL E 51 6.28 -26.10 9.45
C VAL E 51 5.44 -25.30 8.47
N ALA E 52 4.26 -24.84 8.88
CA ALA E 52 3.37 -24.09 8.01
C ALA E 52 2.51 -23.14 8.83
N ARG E 53 2.13 -22.03 8.20
CA ARG E 53 1.20 -21.09 8.80
C ARG E 53 0.32 -20.51 7.70
N ILE E 54 -0.95 -20.26 8.03
CA ILE E 54 -1.92 -19.70 7.09
C ILE E 54 -2.68 -18.57 7.77
N SER E 55 -2.97 -17.51 7.01
CA SER E 55 -4.04 -16.60 7.38
C SER E 55 -5.36 -17.12 6.82
N PRO E 56 -6.20 -17.74 7.66
CA PRO E 56 -7.28 -18.58 7.10
C PRO E 56 -8.36 -17.80 6.38
N SER E 57 -8.51 -16.50 6.62
CA SER E 57 -9.45 -15.70 5.85
C SER E 57 -8.86 -15.24 4.52
N TYR E 58 -7.68 -14.62 4.56
CA TYR E 58 -7.06 -14.10 3.34
C TYR E 58 -6.38 -15.18 2.51
N GLY E 59 -6.06 -16.33 3.09
CA GLY E 59 -5.44 -17.41 2.36
C GLY E 59 -3.96 -17.27 2.10
N TYR E 60 -3.31 -16.26 2.69
CA TYR E 60 -1.86 -16.18 2.63
C TYR E 60 -1.23 -17.29 3.46
N THR E 61 -0.15 -17.87 2.95
CA THR E 61 0.48 -19.02 3.59
C THR E 61 1.99 -18.84 3.65
N TYR E 62 2.58 -19.43 4.69
CA TYR E 62 4.04 -19.50 4.84
C TYR E 62 4.45 -20.95 5.06
N TYR E 63 5.60 -21.32 4.50
CA TYR E 63 6.17 -22.65 4.67
C TYR E 63 7.66 -22.53 4.97
N ALA E 64 8.17 -23.44 5.79
CA ALA E 64 9.60 -23.62 5.90
C ALA E 64 10.18 -24.21 4.62
N ASP E 65 11.41 -23.81 4.30
CA ASP E 65 12.09 -24.29 3.10
C ASP E 65 12.31 -25.80 3.11
N SER E 66 12.25 -26.42 4.29
CA SER E 66 12.34 -27.87 4.40
C SER E 66 11.10 -28.59 3.88
N VAL E 67 9.96 -27.90 3.79
CA VAL E 67 8.71 -28.53 3.37
C VAL E 67 8.05 -27.73 2.25
N LYS E 68 8.57 -26.54 1.98
CA LYS E 68 8.00 -25.69 0.94
C LYS E 68 7.88 -26.46 -0.38
N GLY E 69 6.69 -26.40 -0.97
CA GLY E 69 6.36 -27.15 -2.16
C GLY E 69 5.97 -28.60 -1.92
N ARG E 70 6.48 -29.21 -0.86
CA ARG E 70 6.03 -30.56 -0.50
C ARG E 70 4.74 -30.52 0.32
N PHE E 71 4.64 -29.62 1.29
CA PHE E 71 3.47 -29.51 2.14
C PHE E 71 2.51 -28.45 1.61
N THR E 72 1.30 -28.46 2.13
CA THR E 72 0.29 -27.47 1.78
C THR E 72 -0.71 -27.34 2.92
N ILE E 73 -0.88 -26.12 3.41
CA ILE E 73 -1.82 -25.79 4.47
C ILE E 73 -3.06 -25.15 3.85
N SER E 74 -4.23 -25.44 4.41
CA SER E 74 -5.47 -24.85 3.91
C SER E 74 -6.41 -24.62 5.07
N ALA E 75 -7.43 -23.80 4.83
CA ALA E 75 -8.37 -23.37 5.85
C ALA E 75 -9.81 -23.65 5.43
N ASP E 76 -10.68 -23.80 6.43
CA ASP E 76 -12.09 -24.16 6.26
C ASP E 76 -12.91 -23.22 7.13
N THR E 77 -13.05 -21.98 6.66
CA THR E 77 -13.30 -20.84 7.55
C THR E 77 -14.60 -20.98 8.32
N SER E 78 -15.67 -21.47 7.68
CA SER E 78 -16.93 -21.62 8.41
C SER E 78 -16.91 -22.77 9.39
N LYS E 79 -16.00 -23.74 9.24
CA LYS E 79 -15.76 -24.75 10.26
C LYS E 79 -14.57 -24.39 11.16
N ASN E 80 -14.03 -23.19 11.03
CA ASN E 80 -12.87 -22.73 11.78
C ASN E 80 -11.80 -23.80 11.90
N THR E 81 -11.52 -24.49 10.80
CA THR E 81 -10.64 -25.65 10.77
C THR E 81 -9.51 -25.35 9.80
N ALA E 82 -8.33 -25.91 10.08
CA ALA E 82 -7.25 -25.90 9.11
C ALA E 82 -6.78 -27.32 8.85
N TYR E 83 -6.24 -27.52 7.64
CA TYR E 83 -5.68 -28.79 7.22
C TYR E 83 -4.25 -28.57 6.76
N LEU E 84 -3.36 -29.51 7.09
CA LEU E 84 -2.03 -29.56 6.52
C LEU E 84 -1.90 -30.84 5.72
N GLN E 85 -1.69 -30.70 4.42
CA GLN E 85 -1.43 -31.83 3.54
C GLN E 85 0.07 -32.03 3.42
N MET E 86 0.53 -33.25 3.69
CA MET E 86 1.92 -33.63 3.52
C MET E 86 2.04 -34.58 2.34
N ASN E 87 3.02 -34.34 1.47
CA ASN E 87 3.31 -35.25 0.38
C ASN E 87 4.82 -35.44 0.30
N SER E 88 5.23 -36.53 -0.35
CA SER E 88 6.65 -36.86 -0.49
C SER E 88 7.34 -36.84 0.86
N LEU E 89 6.68 -37.41 1.87
CA LEU E 89 7.21 -37.38 3.23
C LEU E 89 8.56 -38.08 3.29
N ARG E 90 9.57 -37.35 3.76
CA ARG E 90 10.91 -37.89 3.95
C ARG E 90 11.06 -38.46 5.35
N ALA E 91 12.08 -39.31 5.51
CA ALA E 91 12.41 -39.81 6.85
C ALA E 91 12.67 -38.66 7.81
N GLU E 92 13.33 -37.60 7.33
CA GLU E 92 13.58 -36.40 8.13
C GLU E 92 12.30 -35.70 8.58
N ASP E 93 11.15 -36.00 7.96
CA ASP E 93 9.88 -35.47 8.43
C ASP E 93 9.35 -36.17 9.67
N THR E 94 9.99 -37.24 10.13
CA THR E 94 9.53 -37.93 11.32
C THR E 94 9.62 -37.03 12.55
N ALA E 95 8.47 -36.64 13.10
CA ALA E 95 8.42 -35.70 14.21
C ALA E 95 7.02 -35.73 14.81
N VAL E 96 6.89 -35.08 15.97
CA VAL E 96 5.58 -34.76 16.54
C VAL E 96 5.16 -33.38 16.06
N TYR E 97 3.96 -33.29 15.50
CA TYR E 97 3.43 -32.07 14.93
C TYR E 97 2.33 -31.50 15.82
N TYR E 98 2.48 -30.23 16.19
CA TYR E 98 1.54 -29.52 17.04
C TYR E 98 0.86 -28.44 16.21
N CYS E 99 -0.46 -28.40 16.27
CA CYS E 99 -1.20 -27.25 15.76
C CYS E 99 -0.95 -26.00 16.60
N GLU E 100 -0.71 -24.90 15.90
CA GLU E 100 -0.61 -23.57 16.46
C GLU E 100 -1.86 -22.78 16.09
N VAL E 101 -2.39 -22.01 17.03
CA VAL E 101 -3.31 -20.92 16.72
C VAL E 101 -2.76 -19.64 17.32
N TYR E 102 -2.88 -18.55 16.57
CA TYR E 102 -2.50 -17.22 17.03
C TYR E 102 -3.69 -16.28 16.83
N ILE E 103 -4.20 -15.71 17.92
CA ILE E 103 -5.24 -14.70 17.87
C ILE E 103 -4.74 -13.45 18.58
N PHE E 104 -4.61 -12.36 17.83
CA PHE E 104 -4.30 -11.03 18.37
C PHE E 104 -3.36 -11.09 19.56
N GLY E 105 -2.14 -11.55 19.31
CA GLY E 105 -1.13 -11.57 20.35
C GLY E 105 -1.25 -12.68 21.37
N GLN E 106 -2.30 -13.48 21.32
CA GLN E 106 -2.42 -14.65 22.19
C GLN E 106 -2.08 -15.92 21.40
N TYR E 107 -1.16 -16.70 21.95
CA TYR E 107 -0.68 -17.93 21.33
C TYR E 107 -1.28 -19.14 22.05
N PHE E 108 -1.84 -20.06 21.27
CA PHE E 108 -2.44 -21.28 21.78
C PHE E 108 -1.80 -22.47 21.09
N GLU E 109 -1.63 -23.57 21.81
CA GLU E 109 -0.91 -24.72 21.31
C GLU E 109 -1.66 -26.00 21.65
N SER E 110 -1.40 -27.04 20.86
CA SER E 110 -2.18 -28.27 20.96
C SER E 110 -2.06 -28.91 22.33
N GLY E 111 -3.16 -29.49 22.80
CA GLY E 111 -3.17 -30.15 24.09
C GLY E 111 -2.27 -31.38 24.14
N GLN E 112 -2.12 -32.08 23.02
CA GLN E 112 -1.17 -33.18 22.95
C GLN E 112 -0.29 -33.12 21.71
N GLY E 113 -0.81 -32.56 20.62
CA GLY E 113 -0.17 -32.77 19.33
C GLY E 113 -0.44 -34.17 18.80
N THR E 114 0.22 -34.48 17.69
CA THR E 114 0.08 -35.78 17.06
C THR E 114 1.39 -36.21 16.42
N LEU E 115 1.61 -37.51 16.37
CA LEU E 115 2.90 -38.09 15.99
C LEU E 115 2.86 -38.51 14.52
N VAL E 116 3.89 -38.15 13.77
CA VAL E 116 4.09 -38.62 12.41
C VAL E 116 5.38 -39.41 12.37
N THR E 117 5.28 -40.68 11.99
CA THR E 117 6.44 -41.56 11.84
C THR E 117 6.55 -41.98 10.37
N VAL E 118 7.69 -41.71 9.76
CA VAL E 118 7.90 -41.99 8.35
C VAL E 118 8.72 -43.26 8.19
N GLU F 1 -21.62 -18.38 5.12
CA GLU F 1 -21.26 -19.73 4.58
C GLU F 1 -20.81 -19.60 3.13
N VAL F 2 -19.80 -20.38 2.76
CA VAL F 2 -19.41 -20.56 1.37
C VAL F 2 -19.03 -22.02 1.16
N GLN F 3 -19.46 -22.59 0.03
CA GLN F 3 -19.08 -23.94 -0.35
C GLN F 3 -18.71 -23.97 -1.82
N LEU F 4 -17.63 -24.70 -2.12
CA LEU F 4 -17.29 -25.09 -3.48
C LEU F 4 -17.59 -26.58 -3.67
N VAL F 5 -18.35 -26.90 -4.70
CA VAL F 5 -18.70 -28.28 -5.03
C VAL F 5 -18.03 -28.60 -6.35
N GLU F 6 -17.13 -29.59 -6.33
CA GLU F 6 -16.20 -29.84 -7.41
C GLU F 6 -16.43 -31.25 -7.96
N SER F 7 -16.34 -31.38 -9.29
CA SER F 7 -16.63 -32.65 -9.95
C SER F 7 -15.79 -32.75 -11.22
N GLY F 8 -15.85 -33.93 -11.84
CA GLY F 8 -15.27 -34.14 -13.15
C GLY F 8 -13.92 -34.81 -13.17
N GLY F 9 -13.48 -35.36 -12.04
CA GLY F 9 -12.23 -36.10 -12.02
C GLY F 9 -12.26 -37.32 -12.94
N GLY F 10 -11.08 -37.75 -13.33
CA GLY F 10 -10.95 -38.88 -14.22
C GLY F 10 -9.57 -39.49 -14.18
N LEU F 11 -9.34 -40.42 -15.09
CA LEU F 11 -8.07 -41.13 -15.18
C LEU F 11 -7.80 -41.49 -16.64
N VAL F 12 -7.83 -40.50 -17.52
CA VAL F 12 -7.85 -40.74 -18.96
C VAL F 12 -6.43 -40.87 -19.48
N GLN F 13 -6.32 -41.47 -20.67
CA GLN F 13 -5.06 -41.67 -21.36
C GLN F 13 -4.55 -40.38 -21.97
N PRO F 14 -3.24 -40.28 -22.21
CA PRO F 14 -2.71 -39.15 -23.00
C PRO F 14 -3.47 -38.99 -24.31
N GLY F 15 -3.65 -37.74 -24.71
CA GLY F 15 -4.51 -37.40 -25.82
C GLY F 15 -5.98 -37.33 -25.49
N GLY F 16 -6.39 -37.83 -24.34
CA GLY F 16 -7.77 -37.76 -23.91
C GLY F 16 -8.17 -36.35 -23.51
N SER F 17 -9.44 -36.22 -23.12
CA SER F 17 -10.00 -34.94 -22.71
C SER F 17 -10.90 -35.16 -21.51
N LEU F 18 -11.01 -34.13 -20.67
CA LEU F 18 -11.84 -34.18 -19.48
C LEU F 18 -12.46 -32.80 -19.25
N ARG F 19 -13.43 -32.75 -18.35
CA ARG F 19 -14.12 -31.49 -18.01
C ARG F 19 -14.33 -31.40 -16.51
N LEU F 20 -13.48 -30.62 -15.84
CA LEU F 20 -13.73 -30.28 -14.44
C LEU F 20 -14.84 -29.25 -14.36
N SER F 21 -15.60 -29.29 -13.27
CA SER F 21 -16.59 -28.26 -12.98
C SER F 21 -16.60 -27.96 -11.50
N CYS F 22 -16.95 -26.72 -11.15
CA CYS F 22 -16.89 -26.26 -9.76
C CYS F 22 -18.04 -25.29 -9.52
N ALA F 23 -19.09 -25.77 -8.88
CA ALA F 23 -20.16 -24.90 -8.41
C ALA F 23 -19.73 -24.19 -7.14
N ALA F 24 -20.25 -22.97 -6.94
CA ALA F 24 -20.04 -22.23 -5.72
C ALA F 24 -21.37 -21.68 -5.23
N SER F 25 -21.51 -21.61 -3.90
CA SER F 25 -22.74 -21.11 -3.30
C SER F 25 -22.42 -20.41 -2.00
N GLY F 26 -23.39 -19.61 -1.54
CA GLY F 26 -23.28 -18.90 -0.29
C GLY F 26 -22.97 -17.42 -0.42
N PHE F 27 -22.70 -16.94 -1.63
CA PHE F 27 -22.45 -15.52 -1.87
C PHE F 27 -23.22 -15.08 -3.10
N ASN F 28 -23.69 -13.83 -3.07
CA ASN F 28 -24.33 -13.24 -4.24
C ASN F 28 -23.29 -12.87 -5.29
N VAL F 29 -23.70 -12.96 -6.56
CA VAL F 29 -22.89 -12.57 -7.70
C VAL F 29 -23.75 -11.75 -8.64
N TYR F 30 -23.11 -10.85 -9.38
CA TYR F 30 -23.80 -9.84 -10.15
C TYR F 30 -23.12 -9.67 -11.51
N SER F 31 -23.81 -8.97 -12.41
CA SER F 31 -23.24 -8.61 -13.70
C SER F 31 -21.98 -7.77 -13.58
N SER F 32 -21.66 -7.25 -12.40
CA SER F 32 -20.37 -6.64 -12.15
C SER F 32 -19.98 -6.91 -10.71
N SER F 33 -18.95 -7.72 -10.51
CA SER F 33 -18.34 -7.90 -9.20
C SER F 33 -16.92 -8.42 -9.43
N TYR F 34 -16.09 -8.27 -8.40
CA TYR F 34 -14.69 -8.68 -8.49
C TYR F 34 -14.52 -10.16 -8.12
N TYR F 35 -15.23 -10.99 -8.88
CA TYR F 35 -15.37 -12.41 -8.60
C TYR F 35 -14.44 -13.16 -9.55
N TYR F 36 -13.67 -14.10 -9.02
CA TYR F 36 -12.89 -15.02 -9.83
C TYR F 36 -13.10 -16.46 -9.42
N VAL F 37 -13.10 -17.34 -10.41
CA VAL F 37 -13.02 -18.78 -10.20
C VAL F 37 -11.83 -19.28 -11.00
N GLY F 38 -11.13 -20.26 -10.47
CA GLY F 38 -9.96 -20.77 -11.18
C GLY F 38 -9.62 -22.17 -10.72
N TRP F 39 -8.61 -22.73 -11.36
CA TRP F 39 -8.15 -24.09 -11.09
C TRP F 39 -6.65 -24.09 -10.89
N VAL F 40 -6.21 -24.65 -9.77
CA VAL F 40 -4.79 -24.76 -9.44
C VAL F 40 -4.47 -26.24 -9.31
N ARG F 41 -3.32 -26.66 -9.84
CA ARG F 41 -2.89 -28.04 -9.77
C ARG F 41 -1.60 -28.18 -8.97
N ARG F 42 -1.53 -29.27 -8.19
CA ARG F 42 -0.42 -29.57 -7.32
C ARG F 42 -0.03 -31.02 -7.53
N ALA F 43 1.28 -31.31 -7.55
CA ALA F 43 1.74 -32.64 -7.88
C ALA F 43 3.01 -32.97 -7.10
N PRO F 44 3.22 -34.25 -6.76
CA PRO F 44 4.49 -34.66 -6.18
C PRO F 44 5.70 -34.23 -7.00
N GLY F 45 6.66 -33.59 -6.33
CA GLY F 45 7.89 -33.18 -6.94
C GLY F 45 7.81 -31.95 -7.83
N LYS F 46 6.67 -31.26 -7.85
CA LYS F 46 6.55 -30.01 -8.59
C LYS F 46 5.80 -29.01 -7.74
N GLY F 47 6.05 -27.74 -8.01
CA GLY F 47 5.37 -26.67 -7.31
C GLY F 47 3.89 -26.58 -7.65
N GLU F 48 3.18 -25.81 -6.83
CA GLU F 48 1.82 -25.40 -7.16
C GLU F 48 1.83 -24.58 -8.44
N GLU F 49 0.88 -24.85 -9.32
CA GLU F 49 0.71 -24.11 -10.56
C GLU F 49 -0.74 -23.72 -10.73
N LEU F 50 -0.99 -22.45 -11.02
CA LEU F 50 -2.32 -22.01 -11.44
C LEU F 50 -2.58 -22.44 -12.87
N VAL F 51 -3.57 -23.30 -13.06
CA VAL F 51 -3.88 -23.80 -14.39
C VAL F 51 -4.65 -22.76 -15.20
N ALA F 52 -5.75 -22.27 -14.66
CA ALA F 52 -6.60 -21.33 -15.38
C ALA F 52 -7.39 -20.51 -14.38
N ARG F 53 -7.80 -19.32 -14.82
CA ARG F 53 -8.65 -18.46 -14.00
C ARG F 53 -9.55 -17.66 -14.92
N ILE F 54 -10.74 -17.30 -14.41
CA ILE F 54 -11.74 -16.56 -15.16
C ILE F 54 -12.42 -15.58 -14.21
N SER F 55 -12.90 -14.47 -14.77
CA SER F 55 -13.90 -13.66 -14.09
C SER F 55 -15.27 -13.90 -14.72
N PRO F 56 -16.14 -14.68 -14.08
CA PRO F 56 -17.40 -15.07 -14.73
C PRO F 56 -18.24 -13.91 -15.24
N SER F 57 -18.24 -12.78 -14.54
CA SER F 57 -19.01 -11.62 -14.97
C SER F 57 -18.49 -11.00 -16.27
N TYR F 58 -17.25 -11.30 -16.65
CA TYR F 58 -16.63 -10.64 -17.79
C TYR F 58 -16.07 -11.61 -18.82
N GLY F 59 -15.79 -12.85 -18.46
CA GLY F 59 -15.26 -13.83 -19.40
C GLY F 59 -13.83 -13.61 -19.80
N TYR F 60 -13.10 -12.74 -19.11
CA TYR F 60 -11.66 -12.65 -19.30
C TYR F 60 -11.00 -13.85 -18.62
N THR F 61 -10.00 -14.42 -19.27
CA THR F 61 -9.41 -15.69 -18.82
C THR F 61 -7.90 -15.58 -18.79
N TYR F 62 -7.30 -16.35 -17.89
CA TYR F 62 -5.85 -16.54 -17.81
C TYR F 62 -5.52 -18.02 -17.92
N TYR F 63 -4.36 -18.32 -18.50
CA TYR F 63 -3.91 -19.70 -18.65
C TYR F 63 -2.41 -19.78 -18.44
N ALA F 64 -1.95 -20.95 -17.97
CA ALA F 64 -0.53 -21.26 -17.97
C ALA F 64 -0.01 -21.48 -19.39
N ASP F 65 1.28 -21.19 -19.58
CA ASP F 65 1.88 -21.36 -20.90
C ASP F 65 1.86 -22.81 -21.37
N SER F 66 1.84 -23.76 -20.44
CA SER F 66 1.69 -25.17 -20.78
C SER F 66 0.24 -25.57 -21.03
N VAL F 67 -0.70 -24.63 -20.88
CA VAL F 67 -2.11 -24.93 -20.87
C VAL F 67 -2.83 -24.09 -21.91
N LYS F 68 -2.34 -22.87 -22.11
CA LYS F 68 -2.95 -21.94 -23.05
C LYS F 68 -3.05 -22.56 -24.45
N GLY F 69 -4.26 -22.48 -25.02
CA GLY F 69 -4.54 -23.03 -26.33
C GLY F 69 -4.91 -24.50 -26.37
N ARG F 70 -4.96 -25.19 -25.23
CA ARG F 70 -5.50 -26.54 -25.24
C ARG F 70 -6.56 -26.78 -24.16
N PHE F 71 -6.42 -26.22 -22.97
CA PHE F 71 -7.55 -26.17 -22.06
C PHE F 71 -8.39 -24.92 -22.33
N THR F 72 -9.57 -24.89 -21.73
CA THR F 72 -10.46 -23.72 -21.86
C THR F 72 -11.34 -23.65 -20.62
N ILE F 73 -11.20 -22.57 -19.87
CA ILE F 73 -12.06 -22.29 -18.73
C ILE F 73 -13.26 -21.47 -19.18
N SER F 74 -14.41 -21.72 -18.57
CA SER F 74 -15.62 -20.96 -18.84
C SER F 74 -16.51 -21.00 -17.62
N ALA F 75 -17.49 -20.10 -17.58
CA ALA F 75 -18.40 -19.99 -16.45
C ALA F 75 -19.82 -19.77 -16.92
N ASP F 76 -20.76 -20.40 -16.22
CA ASP F 76 -22.19 -20.17 -16.37
C ASP F 76 -22.67 -19.39 -15.15
N THR F 77 -22.82 -18.07 -15.31
CA THR F 77 -23.26 -17.22 -14.21
C THR F 77 -24.71 -17.47 -13.80
N SER F 78 -25.49 -18.16 -14.62
CA SER F 78 -26.88 -18.44 -14.26
C SER F 78 -26.98 -19.52 -13.20
N LYS F 79 -25.96 -20.39 -13.08
CA LYS F 79 -25.92 -21.44 -12.08
C LYS F 79 -24.62 -21.39 -11.28
N ASN F 80 -23.97 -20.22 -11.27
CA ASN F 80 -22.72 -19.98 -10.56
C ASN F 80 -21.77 -21.19 -10.57
N THR F 81 -21.47 -21.65 -11.77
CA THR F 81 -20.68 -22.86 -11.96
C THR F 81 -19.60 -22.54 -12.98
N ALA F 82 -18.35 -22.85 -12.64
CA ALA F 82 -17.25 -22.81 -13.57
C ALA F 82 -16.95 -24.18 -14.15
N TYR F 83 -16.38 -24.19 -15.34
CA TYR F 83 -15.95 -25.42 -16.01
C TYR F 83 -14.53 -25.23 -16.52
N LEU F 84 -13.72 -26.27 -16.42
CA LEU F 84 -12.45 -26.36 -17.13
C LEU F 84 -12.52 -27.51 -18.12
N GLN F 85 -12.66 -27.20 -19.40
CA GLN F 85 -12.45 -28.18 -20.45
C GLN F 85 -10.96 -28.41 -20.64
N MET F 86 -10.53 -29.67 -20.47
CA MET F 86 -9.14 -30.06 -20.67
C MET F 86 -9.06 -30.97 -21.89
N ASN F 87 -8.31 -30.56 -22.90
CA ASN F 87 -8.17 -31.33 -24.14
C ASN F 87 -6.70 -31.63 -24.39
N SER F 88 -6.46 -32.73 -25.11
CA SER F 88 -5.11 -33.17 -25.46
C SER F 88 -4.24 -33.29 -24.21
N LEU F 89 -4.75 -34.00 -23.21
CA LEU F 89 -4.03 -34.17 -21.96
C LEU F 89 -2.71 -34.89 -22.19
N ARG F 90 -1.75 -34.60 -21.31
CA ARG F 90 -0.41 -35.19 -21.39
C ARG F 90 -0.07 -35.80 -20.04
N ALA F 91 0.93 -36.69 -20.04
CA ALA F 91 1.38 -37.29 -18.80
C ALA F 91 1.81 -36.22 -17.79
N GLU F 92 2.42 -35.14 -18.27
CA GLU F 92 2.77 -34.02 -17.40
C GLU F 92 1.57 -33.36 -16.76
N ASP F 93 0.37 -33.55 -17.31
CA ASP F 93 -0.85 -33.03 -16.69
C ASP F 93 -1.35 -33.88 -15.52
N THR F 94 -0.67 -34.97 -15.18
CA THR F 94 -1.08 -35.77 -14.02
C THR F 94 -0.81 -35.00 -12.75
N ALA F 95 -1.86 -34.44 -12.16
CA ALA F 95 -1.75 -33.62 -10.96
C ALA F 95 -3.12 -33.58 -10.29
N VAL F 96 -3.12 -33.18 -9.02
CA VAL F 96 -4.36 -32.91 -8.30
C VAL F 96 -4.80 -31.49 -8.58
N TYR F 97 -5.98 -31.34 -9.16
CA TYR F 97 -6.56 -30.05 -9.52
C TYR F 97 -7.54 -29.61 -8.44
N TYR F 98 -7.34 -28.40 -7.92
CA TYR F 98 -8.21 -27.83 -6.92
C TYR F 98 -8.90 -26.60 -7.50
N CYS F 99 -10.21 -26.52 -7.28
CA CYS F 99 -10.94 -25.29 -7.56
C CYS F 99 -10.57 -24.18 -6.58
N GLU F 100 -10.50 -22.95 -7.10
CA GLU F 100 -10.28 -21.76 -6.29
C GLU F 100 -11.40 -20.77 -6.53
N VAL F 101 -11.73 -19.99 -5.51
CA VAL F 101 -12.55 -18.80 -5.65
C VAL F 101 -11.89 -17.65 -4.91
N TYR F 102 -11.88 -16.47 -5.54
CA TYR F 102 -11.61 -15.22 -4.84
C TYR F 102 -12.83 -14.31 -4.93
N ILE F 103 -13.24 -13.77 -3.79
CA ILE F 103 -14.27 -12.75 -3.72
C ILE F 103 -13.92 -11.84 -2.56
N PHE F 104 -14.31 -10.57 -2.66
CA PHE F 104 -14.15 -9.63 -1.55
C PHE F 104 -12.72 -9.62 -1.02
N GLY F 105 -11.76 -9.92 -1.89
CA GLY F 105 -10.38 -10.01 -1.47
C GLY F 105 -10.04 -11.14 -0.53
N GLN F 106 -10.94 -12.11 -0.37
CA GLN F 106 -10.73 -13.24 0.53
C GLN F 106 -10.89 -14.54 -0.26
N TYR F 107 -10.26 -15.61 0.23
CA TYR F 107 -9.92 -16.77 -0.58
C TYR F 107 -10.63 -18.01 -0.05
N PHE F 108 -11.09 -18.84 -0.99
CA PHE F 108 -11.63 -20.16 -0.73
C PHE F 108 -11.02 -21.14 -1.71
N GLU F 109 -10.77 -22.38 -1.28
CA GLU F 109 -10.34 -23.40 -2.21
C GLU F 109 -11.01 -24.74 -1.91
N SER F 110 -11.04 -25.59 -2.94
CA SER F 110 -11.69 -26.89 -2.84
C SER F 110 -11.08 -27.74 -1.74
N GLY F 111 -11.95 -28.47 -1.02
CA GLY F 111 -11.49 -29.30 0.07
C GLY F 111 -10.63 -30.48 -0.37
N GLN F 112 -10.90 -31.03 -1.55
CA GLN F 112 -10.07 -32.09 -2.12
C GLN F 112 -10.20 -32.10 -3.63
N GLY F 113 -9.07 -32.00 -4.33
CA GLY F 113 -9.06 -32.00 -5.78
C GLY F 113 -9.24 -33.38 -6.37
N THR F 114 -8.82 -33.51 -7.64
CA THR F 114 -8.93 -34.77 -8.36
C THR F 114 -7.76 -34.94 -9.31
N LEU F 115 -7.46 -36.20 -9.66
CA LEU F 115 -6.17 -36.59 -10.18
C LEU F 115 -6.11 -36.56 -11.72
N VAL F 116 -7.26 -36.56 -12.37
CA VAL F 116 -7.38 -36.34 -13.81
C VAL F 116 -6.75 -37.40 -14.70
N THR F 117 -5.44 -37.62 -14.59
CA THR F 117 -4.70 -38.35 -15.61
C THR F 117 -4.07 -39.63 -15.06
N VAL F 118 -4.01 -40.63 -15.92
CA VAL F 118 -3.39 -41.91 -15.62
C VAL F 118 -1.91 -41.71 -15.29
#